data_3KO9
#
_entry.id   3KO9
#
_cell.length_a   52.252
_cell.length_b   54.863
_cell.length_c   92.419
_cell.angle_alpha   106.940
_cell.angle_beta   101.630
_cell.angle_gamma   94.490
#
_symmetry.space_group_name_H-M   'P 1'
#
loop_
_entity.id
_entity.type
_entity.pdbx_description
1 polymer 'D-tyrosyl-tRNA(Tyr) deacylase'
2 non-polymer D-ARGININE
#
_entity_poly.entity_id   1
_entity_poly.type   'polypeptide(L)'
_entity_poly.pdbx_seq_one_letter_code
;MRVVIQRVKGAILSVRKENIGENEKELEIISEIKNGLICFLGIHKNDTWEDALYIIRKCLNLRLWNNDNKTWDKNVKDLN
YELLIVSQFTLFGNTKKGNKPDFHLAKEPNEALIFYNKIIDEFKKQYNDDKIKIGKFGNYMNIDVTNDGPVTIYIDTHDI
NLNK
;
_entity_poly.pdbx_strand_id   A,B,C,D,E,F
#
# COMPACT_ATOMS: atom_id res chain seq x y z
N MET A 1 -7.92 13.48 4.87
CA MET A 1 -6.94 12.71 5.69
C MET A 1 -6.43 11.51 4.91
N ARG A 2 -5.26 11.00 5.31
CA ARG A 2 -4.69 9.87 4.62
C ARG A 2 -4.70 8.64 5.50
N VAL A 3 -4.82 7.47 4.88
CA VAL A 3 -4.80 6.23 5.64
C VAL A 3 -4.14 5.08 4.88
N VAL A 4 -3.22 4.41 5.57
CA VAL A 4 -2.68 3.15 5.09
C VAL A 4 -3.28 2.04 5.95
N ILE A 5 -3.98 1.12 5.28
CA ILE A 5 -4.66 0.00 5.90
C ILE A 5 -3.92 -1.29 5.58
N GLN A 6 -3.49 -2.01 6.61
CA GLN A 6 -2.83 -3.29 6.36
C GLN A 6 -3.55 -4.41 7.09
N ARG A 7 -3.59 -5.58 6.48
CA ARG A 7 -4.35 -6.69 7.00
C ARG A 7 -3.45 -7.64 7.77
N VAL A 8 -3.84 -7.91 9.00
CA VAL A 8 -2.98 -8.62 9.91
C VAL A 8 -3.53 -9.94 10.47
N LYS A 9 -2.63 -10.88 10.73
CA LYS A 9 -2.90 -12.01 11.62
C LYS A 9 -2.82 -11.53 13.07
N GLY A 10 -2.12 -10.43 13.27
CA GLY A 10 -2.03 -9.82 14.58
C GLY A 10 -1.01 -8.70 14.58
N ALA A 11 -0.98 -7.97 15.69
CA ALA A 11 -0.07 -6.85 15.85
C ALA A 11 0.20 -6.65 17.32
N ILE A 12 1.47 -6.40 17.67
CA ILE A 12 1.81 -6.06 19.05
C ILE A 12 2.48 -4.69 19.11
N LEU A 13 1.91 -3.78 19.87
CA LEU A 13 2.38 -2.41 19.88
C LEU A 13 2.96 -2.08 21.23
N SER A 14 4.20 -1.59 21.21
CA SER A 14 5.01 -1.41 22.40
C SER A 14 5.66 -0.05 22.40
N VAL A 15 5.89 0.50 23.60
CA VAL A 15 6.58 1.80 23.75
C VAL A 15 7.84 1.66 24.61
N ARG A 16 8.69 2.67 24.60
CA ARG A 16 9.92 2.68 25.44
C ARG A 16 9.69 2.51 26.96
N LEU A 27 11.08 -1.42 26.33
CA LEU A 27 9.87 -1.67 25.58
C LEU A 27 8.82 -2.43 26.38
N GLU A 28 7.66 -1.83 26.59
CA GLU A 28 6.57 -2.54 27.25
C GLU A 28 5.27 -2.52 26.41
N ILE A 29 4.79 -3.72 26.09
CA ILE A 29 3.58 -3.91 25.29
C ILE A 29 2.46 -3.11 25.91
N ILE A 30 1.81 -2.25 25.13
CA ILE A 30 0.66 -1.51 25.65
C ILE A 30 -0.64 -1.71 24.87
N SER A 31 -0.58 -2.37 23.72
CA SER A 31 -1.78 -2.74 22.94
C SER A 31 -1.48 -3.97 22.13
N GLU A 32 -2.52 -4.73 21.80
CA GLU A 32 -2.37 -5.95 21.02
C GLU A 32 -3.67 -6.33 20.32
N ILE A 33 -3.57 -6.87 19.09
CA ILE A 33 -4.74 -7.38 18.37
C ILE A 33 -4.34 -8.62 17.62
N LYS A 34 -5.30 -9.52 17.42
CA LYS A 34 -5.12 -10.72 16.59
C LYS A 34 -5.47 -10.39 15.13
N ASN A 35 -6.29 -11.20 14.47
CA ASN A 35 -6.71 -10.91 13.08
C ASN A 35 -7.43 -9.58 12.94
N GLY A 36 -7.25 -8.93 11.79
CA GLY A 36 -7.91 -7.64 11.54
C GLY A 36 -7.05 -6.64 10.78
N LEU A 37 -7.09 -5.40 11.24
CA LEU A 37 -6.47 -4.33 10.46
C LEU A 37 -5.64 -3.39 11.29
N ILE A 38 -4.41 -3.16 10.86
CA ILE A 38 -3.68 -2.00 11.34
C ILE A 38 -3.92 -0.85 10.36
N CYS A 39 -4.24 0.30 10.91
CA CYS A 39 -4.54 1.51 10.16
C CYS A 39 -3.65 2.68 10.61
N PHE A 40 -2.68 3.03 9.77
CA PHE A 40 -1.90 4.23 9.98
C PHE A 40 -2.69 5.45 9.46
N LEU A 41 -2.99 6.37 10.37
CA LEU A 41 -3.93 7.43 10.11
C LEU A 41 -3.27 8.81 10.20
N GLY A 42 -2.96 9.37 9.05
CA GLY A 42 -2.42 10.73 9.02
C GLY A 42 -3.53 11.73 8.86
N ILE A 43 -3.51 12.78 9.69
CA ILE A 43 -4.53 13.83 9.69
C ILE A 43 -4.05 15.15 9.08
N HIS A 44 -4.50 15.43 7.85
CA HIS A 44 -4.28 16.73 7.15
C HIS A 44 -4.77 17.92 7.98
N LYS A 45 -4.03 19.03 7.95
CA LYS A 45 -4.34 20.19 8.84
C LYS A 45 -5.68 20.88 8.56
N ASN A 46 -6.23 20.67 7.36
CA ASN A 46 -7.53 21.22 6.98
C ASN A 46 -8.66 20.19 7.00
N ASP A 47 -8.44 19.06 7.66
CA ASP A 47 -9.43 17.99 7.68
C ASP A 47 -10.67 18.43 8.42
N THR A 48 -11.81 17.96 7.92
CA THR A 48 -13.12 18.21 8.54
C THR A 48 -13.63 16.91 9.15
N TRP A 49 -14.59 17.03 10.06
CA TRP A 49 -15.22 15.85 10.62
C TRP A 49 -15.81 14.93 9.54
N GLU A 50 -15.89 15.42 8.30
CA GLU A 50 -16.37 14.61 7.18
C GLU A 50 -15.24 13.75 6.64
N ASP A 51 -14.02 14.27 6.75
CA ASP A 51 -12.81 13.51 6.43
C ASP A 51 -12.65 12.30 7.32
N ALA A 52 -12.91 12.50 8.62
CA ALA A 52 -12.87 11.42 9.59
C ALA A 52 -13.86 10.32 9.20
N LEU A 53 -15.13 10.71 9.07
CA LEU A 53 -16.21 9.75 8.81
C LEU A 53 -15.94 8.87 7.60
N TYR A 54 -15.32 9.46 6.58
CA TYR A 54 -15.02 8.73 5.38
C TYR A 54 -14.03 7.61 5.69
N ILE A 55 -13.03 7.92 6.53
CA ILE A 55 -11.98 6.95 6.89
C ILE A 55 -12.57 5.82 7.73
N ILE A 56 -13.33 6.20 8.75
CA ILE A 56 -14.01 5.23 9.57
C ILE A 56 -14.98 4.36 8.75
N ARG A 57 -15.87 4.98 7.97
CA ARG A 57 -16.78 4.15 7.15
C ARG A 57 -15.95 3.14 6.38
N LYS A 58 -14.91 3.61 5.71
CA LYS A 58 -14.07 2.77 4.89
C LYS A 58 -13.31 1.64 5.64
N CYS A 59 -12.81 1.94 6.84
CA CYS A 59 -12.01 0.98 7.59
C CYS A 59 -12.92 -0.14 8.11
N LEU A 60 -14.06 0.25 8.68
CA LEU A 60 -15.03 -0.71 9.18
C LEU A 60 -15.73 -1.49 8.07
N ASN A 61 -15.88 -0.91 6.89
CA ASN A 61 -16.71 -1.58 5.88
C ASN A 61 -15.98 -2.26 4.74
N LEU A 62 -14.80 -1.79 4.40
CA LEU A 62 -14.03 -2.38 3.30
C LEU A 62 -13.94 -3.90 3.41
N ARG A 63 -14.31 -4.56 2.33
CA ARG A 63 -14.37 -6.02 2.30
C ARG A 63 -13.00 -6.53 1.91
N LEU A 64 -12.18 -6.85 2.90
CA LEU A 64 -10.78 -7.23 2.62
C LEU A 64 -10.42 -8.70 2.85
N TRP A 65 -11.38 -9.51 3.28
CA TRP A 65 -11.11 -10.92 3.54
C TRP A 65 -11.83 -11.83 2.58
N ASN A 66 -11.16 -12.92 2.24
CA ASN A 66 -11.80 -14.00 1.51
C ASN A 66 -12.76 -14.68 2.45
N ASN A 67 -14.04 -14.65 2.11
CA ASN A 67 -14.97 -15.52 2.78
C ASN A 67 -14.98 -16.85 2.03
N ASP A 68 -14.16 -17.77 2.52
CA ASP A 68 -13.93 -19.09 1.91
C ASP A 68 -14.72 -19.33 0.62
N ASN A 69 -14.00 -19.29 -0.51
CA ASN A 69 -14.57 -19.55 -1.84
C ASN A 69 -15.04 -18.30 -2.63
N LYS A 70 -15.33 -17.19 -1.92
CA LYS A 70 -15.63 -15.90 -2.56
C LYS A 70 -14.68 -14.78 -2.10
N THR A 71 -13.80 -14.36 -3.01
CA THR A 71 -12.75 -13.38 -2.72
C THR A 71 -13.30 -11.95 -2.52
N TRP A 72 -12.64 -11.16 -1.65
CA TRP A 72 -13.04 -9.76 -1.35
C TRP A 72 -14.52 -9.63 -1.01
N ASP A 73 -14.88 -10.09 0.19
CA ASP A 73 -16.28 -10.28 0.56
C ASP A 73 -16.60 -9.85 1.98
N LYS A 74 -15.74 -10.22 2.93
CA LYS A 74 -16.04 -9.92 4.33
C LYS A 74 -15.16 -8.81 4.90
N ASN A 75 -15.76 -7.96 5.72
CA ASN A 75 -15.08 -6.87 6.43
C ASN A 75 -14.75 -7.15 7.90
N VAL A 76 -14.04 -6.20 8.53
CA VAL A 76 -13.63 -6.34 9.93
C VAL A 76 -14.78 -6.61 10.89
N LYS A 77 -15.90 -5.92 10.67
CA LYS A 77 -17.03 -6.10 11.56
C LYS A 77 -17.65 -7.47 11.34
N ASP A 78 -17.78 -7.85 10.07
CA ASP A 78 -18.39 -9.13 9.70
C ASP A 78 -17.76 -10.32 10.41
N LEU A 79 -16.42 -10.38 10.40
CA LEU A 79 -15.66 -11.47 11.02
C LEU A 79 -15.36 -11.21 12.49
N ASN A 80 -15.88 -10.10 13.00
CA ASN A 80 -15.70 -9.74 14.39
C ASN A 80 -14.23 -9.54 14.76
N TYR A 81 -13.49 -8.93 13.84
CA TYR A 81 -12.05 -8.72 13.97
C TYR A 81 -11.70 -7.39 14.64
N GLU A 82 -10.41 -7.13 14.81
CA GLU A 82 -9.97 -5.95 15.54
C GLU A 82 -9.28 -4.90 14.69
N LEU A 83 -9.23 -3.68 15.23
CA LEU A 83 -8.56 -2.58 14.56
C LEU A 83 -7.59 -1.87 15.49
N LEU A 84 -6.37 -1.67 15.02
CA LEU A 84 -5.41 -0.84 15.74
C LEU A 84 -5.17 0.41 14.91
N ILE A 85 -5.52 1.55 15.50
CA ILE A 85 -5.34 2.83 14.83
C ILE A 85 -4.09 3.51 15.35
N VAL A 86 -3.10 3.69 14.46
CA VAL A 86 -1.88 4.41 14.82
C VAL A 86 -1.88 5.72 14.05
N SER A 87 -1.58 6.83 14.74
CA SER A 87 -1.55 8.15 14.08
C SER A 87 -0.17 8.42 13.46
N GLN A 88 -0.11 8.55 12.14
CA GLN A 88 1.14 8.73 11.38
C GLN A 88 1.24 10.02 10.61
N PHE A 89 1.62 11.10 11.29
CA PHE A 89 1.81 12.38 10.63
C PHE A 89 2.79 12.33 9.43
N THR A 90 3.71 11.35 9.41
CA THR A 90 4.72 11.23 8.34
C THR A 90 4.11 10.98 6.97
N LEU A 91 2.87 10.51 6.95
CA LEU A 91 2.09 10.42 5.72
C LEU A 91 1.87 11.77 4.98
N PHE A 92 2.14 12.89 5.66
CA PHE A 92 2.16 14.21 5.02
C PHE A 92 3.59 14.74 4.91
N GLY A 93 4.51 13.79 4.80
CA GLY A 93 5.88 14.09 4.49
C GLY A 93 5.97 14.21 3.00
N ASN A 94 6.03 15.46 2.54
CA ASN A 94 6.26 15.74 1.12
C ASN A 94 7.72 15.37 0.85
N THR A 95 7.93 14.58 -0.20
CA THR A 95 9.26 14.12 -0.56
C THR A 95 9.61 14.51 -1.99
N LYS A 96 8.86 15.46 -2.55
CA LYS A 96 9.08 15.96 -3.91
C LYS A 96 10.26 16.92 -4.01
N LYS A 97 10.53 17.67 -2.95
CA LYS A 97 11.66 18.60 -2.88
C LYS A 97 12.97 17.79 -2.73
N GLY A 98 13.46 17.62 -1.50
CA GLY A 98 14.72 16.90 -1.28
C GLY A 98 14.49 15.50 -0.75
N ASN A 99 15.40 15.05 0.10
CA ASN A 99 15.29 13.75 0.77
C ASN A 99 14.98 13.91 2.25
N LYS A 100 14.78 15.15 2.67
CA LYS A 100 14.36 15.48 4.00
C LYS A 100 12.86 15.71 3.91
N PRO A 101 12.06 14.71 4.33
CA PRO A 101 10.61 14.85 4.19
C PRO A 101 10.14 16.10 4.91
N ASP A 102 9.20 16.82 4.31
CA ASP A 102 8.63 17.97 5.03
C ASP A 102 7.14 17.83 5.34
N PHE A 103 6.83 18.01 6.62
CA PHE A 103 5.51 17.70 7.17
C PHE A 103 4.65 18.96 7.32
N HIS A 104 4.60 19.80 6.31
CA HIS A 104 3.93 21.08 6.50
C HIS A 104 2.42 21.07 6.25
N LEU A 105 1.95 20.02 5.60
CA LEU A 105 0.51 19.77 5.45
C LEU A 105 -0.13 19.06 6.66
N ALA A 106 0.68 18.48 7.53
CA ALA A 106 0.19 17.70 8.68
C ALA A 106 -0.45 18.57 9.75
N LYS A 107 -1.48 18.06 10.40
CA LYS A 107 -2.14 18.81 11.47
C LYS A 107 -1.21 18.92 12.67
N GLU A 108 -1.29 20.09 13.30
CA GLU A 108 -0.53 20.45 14.47
C GLU A 108 -0.84 19.45 15.59
N PRO A 109 0.21 18.92 16.28
CA PRO A 109 0.07 17.83 17.28
C PRO A 109 -1.09 17.93 18.29
N ASN A 110 -1.29 19.10 18.89
CA ASN A 110 -2.36 19.27 19.86
C ASN A 110 -3.72 19.16 19.24
N GLU A 111 -4.06 20.08 18.32
CA GLU A 111 -5.29 19.94 17.54
C GLU A 111 -5.47 18.50 17.03
N ALA A 112 -4.37 17.84 16.68
CA ALA A 112 -4.43 16.51 16.07
C ALA A 112 -4.90 15.46 17.06
N LEU A 113 -4.36 15.50 18.28
CA LEU A 113 -4.77 14.62 19.36
C LEU A 113 -6.28 14.69 19.64
N ILE A 114 -6.82 15.90 19.70
CA ILE A 114 -8.27 16.09 19.88
C ILE A 114 -9.08 15.47 18.74
N PHE A 115 -8.60 15.66 17.50
CA PHE A 115 -9.25 15.12 16.33
C PHE A 115 -9.13 13.58 16.33
N TYR A 116 -7.93 13.09 16.63
CA TYR A 116 -7.65 11.66 16.69
C TYR A 116 -8.59 10.97 17.67
N ASN A 117 -8.67 11.51 18.89
CA ASN A 117 -9.58 11.00 19.89
C ASN A 117 -11.00 10.85 19.39
N LYS A 118 -11.56 11.94 18.89
CA LYS A 118 -12.93 11.91 18.40
C LYS A 118 -13.10 10.79 17.39
N ILE A 119 -12.10 10.62 16.54
CA ILE A 119 -12.09 9.57 15.52
C ILE A 119 -12.21 8.20 16.18
N ILE A 120 -11.51 8.04 17.30
CA ILE A 120 -11.48 6.76 18.01
C ILE A 120 -12.86 6.51 18.66
N ASP A 121 -13.41 7.55 19.30
CA ASP A 121 -14.75 7.49 19.88
C ASP A 121 -15.74 6.99 18.84
N GLU A 122 -15.69 7.59 17.67
CA GLU A 122 -16.59 7.24 16.59
C GLU A 122 -16.39 5.83 16.06
N PHE A 123 -15.14 5.40 15.95
CA PHE A 123 -14.83 4.00 15.61
C PHE A 123 -15.54 3.08 16.62
N LYS A 124 -15.41 3.44 17.90
CA LYS A 124 -16.07 2.66 18.95
C LYS A 124 -17.61 2.72 18.85
N LYS A 125 -18.14 3.93 18.63
CA LYS A 125 -19.56 4.13 18.37
C LYS A 125 -20.02 3.36 17.14
N GLN A 126 -19.24 3.34 16.08
CA GLN A 126 -19.69 2.62 14.87
C GLN A 126 -19.58 1.11 14.90
N TYR A 127 -18.61 0.58 15.63
CA TYR A 127 -18.39 -0.87 15.64
C TYR A 127 -18.57 -1.29 17.08
N ASN A 128 -17.48 -1.69 17.70
CA ASN A 128 -17.50 -2.13 19.07
C ASN A 128 -16.33 -1.56 19.83
N ASP A 129 -16.57 -1.13 21.06
CA ASP A 129 -15.48 -0.48 21.76
C ASP A 129 -14.39 -1.40 22.34
N ASP A 130 -14.63 -2.72 22.41
CA ASP A 130 -13.55 -3.64 22.80
C ASP A 130 -12.68 -3.98 21.59
N LYS A 131 -13.15 -3.63 20.39
CA LYS A 131 -12.45 -4.02 19.15
C LYS A 131 -11.48 -2.96 18.63
N ILE A 132 -11.49 -1.79 19.24
CA ILE A 132 -10.65 -0.67 18.85
C ILE A 132 -9.47 -0.41 19.83
N LYS A 133 -8.26 -0.61 19.34
CA LYS A 133 -7.03 -0.32 20.10
C LYS A 133 -6.27 0.92 19.58
N ILE A 134 -5.38 1.47 20.40
CA ILE A 134 -4.67 2.70 20.07
C ILE A 134 -3.19 2.69 20.48
N GLY A 135 -2.45 3.76 20.16
CA GLY A 135 -1.08 3.98 20.68
C GLY A 135 -0.98 5.16 21.65
N LYS A 136 0.25 5.61 21.93
CA LYS A 136 0.45 6.87 22.66
C LYS A 136 0.70 8.02 21.66
N PHE A 137 -0.37 8.64 21.20
CA PHE A 137 -0.32 9.62 20.13
C PHE A 137 1.08 10.04 19.60
N GLY A 138 1.79 10.89 20.34
CA GLY A 138 3.01 11.50 19.81
C GLY A 138 4.29 10.92 20.39
N ASN A 139 4.29 9.61 20.55
CA ASN A 139 5.37 8.91 21.22
C ASN A 139 6.02 7.89 20.32
N TYR A 140 7.29 7.60 20.59
CA TYR A 140 7.96 6.49 19.93
C TYR A 140 7.28 5.16 20.22
N MET A 141 6.85 4.46 19.16
CA MET A 141 6.15 3.19 19.27
C MET A 141 6.92 2.14 18.51
N ASN A 142 6.69 0.89 18.87
CA ASN A 142 7.36 -0.24 18.26
C ASN A 142 6.28 -1.29 18.01
N ILE A 143 6.00 -1.56 16.74
CA ILE A 143 4.85 -2.38 16.38
C ILE A 143 5.25 -3.62 15.58
N ASP A 144 5.11 -4.80 16.19
CA ASP A 144 5.33 -6.03 15.46
C ASP A 144 4.02 -6.35 14.77
N VAL A 145 4.04 -6.30 13.45
CA VAL A 145 2.83 -6.50 12.69
C VAL A 145 3.03 -7.76 11.93
N THR A 146 2.04 -8.66 11.97
CA THR A 146 2.01 -9.85 11.11
C THR A 146 1.11 -9.58 9.90
N ASN A 147 1.74 -9.35 8.75
CA ASN A 147 1.01 -8.96 7.56
C ASN A 147 0.49 -10.17 6.81
N ASP A 148 -0.81 -10.15 6.57
CA ASP A 148 -1.55 -11.24 5.99
C ASP A 148 -1.87 -10.91 4.53
N GLY A 149 -1.10 -11.50 3.63
CA GLY A 149 -1.30 -11.33 2.18
C GLY A 149 -0.02 -11.00 1.45
N PRO A 150 0.52 -9.77 1.67
CA PRO A 150 -0.07 -8.78 2.56
C PRO A 150 -1.12 -8.05 1.76
N VAL A 151 -1.92 -7.22 2.43
CA VAL A 151 -2.94 -6.48 1.73
C VAL A 151 -2.88 -5.04 2.20
N THR A 152 -2.32 -4.19 1.36
CA THR A 152 -2.18 -2.80 1.70
C THR A 152 -3.22 -1.96 0.94
N ILE A 153 -3.89 -1.05 1.63
CA ILE A 153 -4.89 -0.20 1.00
C ILE A 153 -4.63 1.27 1.35
N TYR A 154 -4.54 2.11 0.33
CA TYR A 154 -4.33 3.53 0.54
C TYR A 154 -5.57 4.33 0.18
N ILE A 155 -5.88 5.35 0.99
CA ILE A 155 -6.95 6.28 0.67
C ILE A 155 -6.59 7.70 1.12
N ASP A 156 -6.50 8.64 0.18
CA ASP A 156 -6.47 10.05 0.52
C ASP A 156 -7.88 10.58 0.26
N THR A 157 -8.50 11.15 1.29
CA THR A 157 -9.90 11.50 1.18
C THR A 157 -10.08 12.79 0.41
N HIS A 158 -8.98 13.39 -0.03
CA HIS A 158 -9.09 14.62 -0.78
C HIS A 158 -9.36 14.39 -2.26
N ASP A 159 -9.87 13.18 -2.56
CA ASP A 159 -10.32 12.77 -3.90
C ASP A 159 -11.81 12.41 -3.86
N MET B 1 3.71 4.89 -10.65
CA MET B 1 4.00 3.88 -9.58
C MET B 1 3.67 4.37 -8.17
N ARG B 2 3.19 3.44 -7.34
CA ARG B 2 2.78 3.70 -5.97
C ARG B 2 3.61 2.93 -4.96
N VAL B 3 4.06 3.62 -3.91
CA VAL B 3 4.87 3.00 -2.85
C VAL B 3 4.57 3.48 -1.42
N VAL B 4 4.57 2.48 -0.52
CA VAL B 4 4.45 2.61 0.93
C VAL B 4 5.74 2.09 1.58
N ILE B 5 6.44 3.02 2.21
CA ILE B 5 7.75 2.78 2.77
C ILE B 5 7.60 2.77 4.25
N GLN B 6 8.04 1.68 4.86
CA GLN B 6 7.99 1.56 6.29
C GLN B 6 9.32 1.20 6.88
N ARG B 7 9.69 2.01 7.88
CA ARG B 7 10.94 1.84 8.57
C ARG B 7 10.84 0.62 9.48
N VAL B 8 11.86 -0.21 9.46
CA VAL B 8 11.83 -1.44 10.23
C VAL B 8 13.13 -1.76 10.98
N LYS B 9 13.02 -2.33 12.18
CA LYS B 9 14.19 -2.90 12.85
C LYS B 9 14.54 -4.25 12.22
N GLY B 10 13.55 -4.86 11.57
CA GLY B 10 13.71 -6.14 10.91
C GLY B 10 12.43 -6.52 10.21
N ALA B 11 12.47 -7.65 9.50
CA ALA B 11 11.34 -8.12 8.70
C ALA B 11 11.62 -9.54 8.23
N ILE B 12 10.58 -10.37 8.22
CA ILE B 12 10.71 -11.78 7.90
C ILE B 12 9.55 -12.17 7.03
N LEU B 13 9.86 -12.52 5.79
CA LEU B 13 8.87 -12.88 4.79
C LEU B 13 8.76 -14.39 4.65
N SER B 14 7.52 -14.88 4.62
CA SER B 14 7.24 -16.32 4.46
C SER B 14 6.05 -16.58 3.50
N VAL B 15 6.19 -17.61 2.65
CA VAL B 15 5.16 -18.06 1.70
C VAL B 15 4.64 -19.44 2.06
N ARG B 16 3.58 -19.91 1.38
CA ARG B 16 2.92 -21.20 1.75
C ARG B 16 3.68 -22.46 1.35
N GLU B 26 0.96 -23.91 7.20
CA GLU B 26 2.36 -24.33 7.12
C GLU B 26 3.23 -23.36 6.29
N LEU B 27 4.08 -22.56 6.96
CA LEU B 27 4.79 -21.44 6.28
C LEU B 27 6.30 -21.55 6.25
N GLU B 28 6.90 -21.20 5.11
CA GLU B 28 8.34 -21.29 4.90
C GLU B 28 8.97 -19.90 4.73
N ILE B 29 10.11 -19.68 5.38
CA ILE B 29 10.76 -18.37 5.37
C ILE B 29 11.72 -18.26 4.20
N ILE B 30 11.47 -17.28 3.35
CA ILE B 30 12.31 -17.07 2.19
C ILE B 30 13.17 -15.79 2.24
N SER B 31 12.76 -14.78 3.03
CA SER B 31 13.48 -13.50 3.05
C SER B 31 13.57 -12.84 4.41
N GLU B 32 14.72 -12.27 4.72
CA GLU B 32 14.88 -11.53 5.97
C GLU B 32 15.72 -10.28 5.76
N ILE B 33 15.30 -9.20 6.42
CA ILE B 33 16.14 -8.03 6.57
C ILE B 33 16.16 -7.66 8.04
N LYS B 34 17.23 -7.00 8.46
CA LYS B 34 17.27 -6.40 9.80
C LYS B 34 16.83 -4.95 9.67
N ASN B 35 17.62 -4.02 10.17
CA ASN B 35 17.25 -2.61 10.06
C ASN B 35 17.15 -2.14 8.60
N GLY B 36 16.19 -1.26 8.33
CA GLY B 36 15.99 -0.76 6.97
C GLY B 36 14.57 -0.43 6.59
N LEU B 37 14.22 -0.69 5.33
CA LEU B 37 12.94 -0.27 4.80
C LEU B 37 12.19 -1.41 4.17
N ILE B 38 10.91 -1.54 4.51
CA ILE B 38 10.03 -2.37 3.69
C ILE B 38 9.23 -1.52 2.71
N CYS B 39 9.16 -1.99 1.47
CA CYS B 39 8.64 -1.19 0.42
C CYS B 39 7.58 -1.97 -0.30
N PHE B 40 6.33 -1.61 -0.05
CA PHE B 40 5.20 -2.17 -0.77
C PHE B 40 5.06 -1.39 -2.06
N LEU B 41 5.43 -2.04 -3.17
CA LEU B 41 5.51 -1.42 -4.48
C LEU B 41 4.34 -1.77 -5.42
N GLY B 42 3.58 -0.75 -5.81
CA GLY B 42 2.44 -0.91 -6.71
C GLY B 42 2.76 -0.34 -8.07
N ILE B 43 2.46 -1.10 -9.10
CA ILE B 43 2.88 -0.79 -10.46
C ILE B 43 1.66 -0.49 -11.33
N HIS B 44 1.50 0.78 -11.70
CA HIS B 44 0.38 1.26 -12.50
C HIS B 44 0.45 0.74 -13.93
N LYS B 45 -0.73 0.65 -14.56
CA LYS B 45 -0.89 0.13 -15.91
C LYS B 45 -0.01 0.87 -16.92
N ASN B 46 0.07 2.19 -16.79
CA ASN B 46 0.84 3.02 -17.70
C ASN B 46 2.18 3.50 -17.10
N ASP B 47 2.80 2.67 -16.27
CA ASP B 47 4.07 3.08 -15.68
C ASP B 47 5.15 3.02 -16.77
N THR B 48 6.04 4.01 -16.75
CA THR B 48 7.25 4.05 -17.57
C THR B 48 8.42 3.82 -16.64
N TRP B 49 9.62 3.66 -17.20
CA TRP B 49 10.82 3.39 -16.42
C TRP B 49 11.20 4.58 -15.51
N GLU B 50 10.89 5.80 -15.96
CA GLU B 50 11.09 7.01 -15.15
C GLU B 50 10.27 7.03 -13.85
N ASP B 51 9.06 6.46 -13.91
CA ASP B 51 8.27 6.19 -12.70
C ASP B 51 9.04 5.26 -11.74
N ALA B 52 9.62 4.20 -12.29
CA ALA B 52 10.33 3.22 -11.50
C ALA B 52 11.58 3.80 -10.84
N LEU B 53 12.32 4.61 -11.60
CA LEU B 53 13.56 5.19 -11.11
C LEU B 53 13.29 6.11 -9.94
N TYR B 54 12.20 6.85 -10.03
CA TYR B 54 11.81 7.75 -8.95
C TYR B 54 11.56 6.94 -7.67
N ILE B 55 10.86 5.81 -7.82
CA ILE B 55 10.62 4.95 -6.66
C ILE B 55 11.95 4.52 -6.10
N ILE B 56 12.77 3.89 -6.94
CA ILE B 56 14.08 3.37 -6.52
C ILE B 56 14.92 4.46 -5.85
N ARG B 57 14.91 5.66 -6.42
CA ARG B 57 15.68 6.78 -5.87
C ARG B 57 15.27 7.06 -4.42
N LYS B 58 14.02 7.46 -4.22
CA LYS B 58 13.54 7.85 -2.91
C LYS B 58 13.76 6.81 -1.81
N CYS B 59 13.38 5.56 -2.07
CA CYS B 59 13.67 4.45 -1.15
C CYS B 59 15.14 4.42 -0.73
N LEU B 60 16.04 4.60 -1.70
CA LEU B 60 17.45 4.60 -1.40
C LEU B 60 17.94 5.89 -0.76
N ASN B 61 17.26 7.00 -1.02
CA ASN B 61 17.84 8.29 -0.70
C ASN B 61 17.08 9.10 0.34
N LEU B 62 15.83 8.74 0.62
CA LEU B 62 15.05 9.38 1.70
C LEU B 62 15.69 9.18 3.08
N ARG B 63 15.83 10.28 3.80
CA ARG B 63 16.56 10.28 5.07
C ARG B 63 15.65 10.02 6.26
N LEU B 64 15.34 8.77 6.53
CA LEU B 64 14.25 8.45 7.45
C LEU B 64 14.72 8.18 8.86
N TRP B 65 16.00 8.48 9.10
CA TRP B 65 16.65 8.13 10.35
C TRP B 65 17.38 9.31 10.96
N ASN B 66 17.37 9.37 12.29
CA ASN B 66 18.12 10.38 13.02
C ASN B 66 19.59 10.04 13.16
N ASN B 67 20.34 11.02 13.66
CA ASN B 67 21.75 10.90 13.83
C ASN B 67 22.23 12.07 14.69
N ASP B 68 22.73 11.79 15.89
CA ASP B 68 23.17 12.86 16.82
C ASP B 68 22.05 13.88 17.08
N ASN B 69 22.45 15.17 17.04
CA ASN B 69 21.53 16.29 16.99
C ASN B 69 20.43 16.13 15.95
N LYS B 70 20.85 15.72 14.75
CA LYS B 70 20.09 15.92 13.54
C LYS B 70 18.94 14.92 13.39
N THR B 71 17.80 15.40 12.89
CA THR B 71 16.68 14.52 12.58
C THR B 71 16.47 14.44 11.07
N TRP B 72 15.86 13.34 10.62
CA TRP B 72 15.62 13.11 9.20
C TRP B 72 16.90 13.37 8.37
N ASP B 73 17.98 12.69 8.75
CA ASP B 73 19.32 13.07 8.33
C ASP B 73 20.07 12.01 7.53
N LYS B 74 19.81 10.75 7.86
CA LYS B 74 20.50 9.63 7.26
C LYS B 74 19.57 8.72 6.45
N ASN B 75 20.04 8.24 5.30
CA ASN B 75 19.24 7.31 4.49
C ASN B 75 19.72 5.86 4.64
N VAL B 76 18.94 4.92 4.15
CA VAL B 76 19.18 3.48 4.30
C VAL B 76 20.63 3.08 3.99
N LYS B 77 21.27 3.84 3.09
CA LYS B 77 22.57 3.48 2.57
C LYS B 77 23.67 3.92 3.53
N ASP B 78 23.52 5.15 4.00
CA ASP B 78 24.35 5.72 5.02
C ASP B 78 24.55 4.78 6.21
N LEU B 79 23.57 3.95 6.53
CA LEU B 79 23.67 3.09 7.69
C LEU B 79 23.94 1.64 7.32
N ASN B 80 24.20 1.38 6.04
CA ASN B 80 24.40 0.02 5.54
C ASN B 80 23.23 -0.89 5.86
N TYR B 81 22.03 -0.32 5.78
CA TYR B 81 20.80 -1.01 6.08
C TYR B 81 20.23 -1.68 4.83
N GLU B 82 19.12 -2.41 4.97
CA GLU B 82 18.60 -3.22 3.87
C GLU B 82 17.22 -2.77 3.42
N LEU B 83 16.82 -3.26 2.25
CA LEU B 83 15.46 -3.05 1.77
C LEU B 83 14.78 -4.39 1.47
N LEU B 84 13.49 -4.47 1.82
CA LEU B 84 12.67 -5.57 1.38
C LEU B 84 11.51 -5.06 0.49
N ILE B 85 11.59 -5.44 -0.77
CA ILE B 85 10.67 -4.93 -1.77
C ILE B 85 9.61 -5.97 -2.04
N VAL B 86 8.35 -5.57 -1.84
CA VAL B 86 7.23 -6.48 -1.96
C VAL B 86 6.21 -5.82 -2.86
N SER B 87 5.97 -6.43 -4.01
CA SER B 87 4.95 -5.97 -4.94
C SER B 87 3.59 -5.98 -4.28
N GLN B 88 2.75 -5.00 -4.56
CA GLN B 88 1.47 -4.91 -3.87
C GLN B 88 0.38 -4.25 -4.74
N PHE B 89 -0.22 -5.00 -5.66
CA PHE B 89 -1.23 -4.45 -6.60
C PHE B 89 -2.41 -3.80 -5.88
N THR B 90 -2.69 -4.28 -4.68
CA THR B 90 -3.79 -3.75 -3.87
C THR B 90 -3.64 -2.24 -3.61
N LEU B 91 -2.48 -1.68 -3.91
CA LEU B 91 -2.26 -0.24 -3.79
C LEU B 91 -3.09 0.56 -4.79
N PHE B 92 -3.44 -0.10 -5.90
CA PHE B 92 -4.36 0.47 -6.87
C PHE B 92 -5.79 0.02 -6.66
N GLY B 93 -6.04 -0.63 -5.53
CA GLY B 93 -7.37 -0.97 -5.12
C GLY B 93 -8.17 0.30 -5.01
N ASN B 94 -9.04 0.54 -5.99
CA ASN B 94 -9.90 1.71 -6.00
C ASN B 94 -11.05 1.55 -5.01
N THR B 95 -11.26 2.55 -4.15
CA THR B 95 -12.32 2.47 -3.15
C THR B 95 -13.31 3.66 -3.18
N LYS B 96 -13.21 4.48 -4.23
CA LYS B 96 -14.16 5.58 -4.48
C LYS B 96 -15.61 5.08 -4.58
N LYS B 97 -15.80 4.02 -5.36
CA LYS B 97 -17.10 3.37 -5.51
C LYS B 97 -17.20 2.03 -4.76
N GLY B 98 -18.04 1.98 -3.74
CA GLY B 98 -18.32 0.72 -3.03
C GLY B 98 -17.34 0.24 -1.96
N ASN B 99 -17.56 -0.98 -1.46
CA ASN B 99 -16.73 -1.52 -0.38
C ASN B 99 -15.91 -2.70 -0.87
N LYS B 100 -16.20 -3.13 -2.08
CA LYS B 100 -15.34 -4.11 -2.75
C LYS B 100 -14.22 -3.35 -3.50
N PRO B 101 -12.95 -3.70 -3.25
CA PRO B 101 -11.87 -3.06 -4.01
C PRO B 101 -11.80 -3.59 -5.42
N ASP B 102 -11.44 -2.72 -6.36
CA ASP B 102 -11.17 -3.17 -7.71
C ASP B 102 -9.88 -2.54 -8.23
N PHE B 103 -9.18 -3.31 -9.05
CA PHE B 103 -7.78 -3.06 -9.36
C PHE B 103 -7.53 -2.77 -10.85
N HIS B 104 -8.56 -2.30 -11.55
CA HIS B 104 -8.46 -2.04 -13.00
C HIS B 104 -7.25 -1.19 -13.39
N LEU B 105 -6.86 -0.25 -12.51
CA LEU B 105 -5.69 0.61 -12.74
C LEU B 105 -4.33 -0.09 -12.54
N ALA B 106 -4.32 -1.21 -11.83
CA ALA B 106 -3.08 -1.96 -11.61
C ALA B 106 -2.67 -2.64 -12.89
N LYS B 107 -1.36 -2.79 -13.06
CA LYS B 107 -0.78 -3.42 -14.25
C LYS B 107 -1.08 -4.92 -14.27
N GLU B 108 -0.96 -5.52 -15.45
CA GLU B 108 -1.32 -6.91 -15.69
C GLU B 108 -0.25 -7.80 -15.09
N PRO B 109 -0.64 -8.88 -14.38
CA PRO B 109 0.34 -9.72 -13.67
C PRO B 109 1.54 -10.20 -14.50
N ASN B 110 1.32 -10.63 -15.74
CA ASN B 110 2.40 -11.17 -16.60
C ASN B 110 3.51 -10.18 -16.94
N GLU B 111 3.17 -8.89 -16.99
CA GLU B 111 4.13 -7.85 -17.30
C GLU B 111 4.63 -7.19 -16.03
N ALA B 112 3.71 -6.96 -15.10
CA ALA B 112 4.11 -6.47 -13.80
C ALA B 112 5.37 -7.22 -13.36
N LEU B 113 5.32 -8.56 -13.46
CA LEU B 113 6.44 -9.44 -13.13
C LEU B 113 7.72 -9.09 -13.87
N ILE B 114 7.61 -8.80 -15.17
CA ILE B 114 8.78 -8.35 -15.94
C ILE B 114 9.27 -7.00 -15.37
N PHE B 115 8.34 -6.05 -15.17
CA PHE B 115 8.67 -4.71 -14.67
C PHE B 115 9.31 -4.73 -13.29
N TYR B 116 8.79 -5.60 -12.41
CA TYR B 116 9.22 -5.72 -11.03
C TYR B 116 10.67 -6.21 -10.91
N ASN B 117 11.05 -7.13 -11.80
CA ASN B 117 12.40 -7.67 -11.82
C ASN B 117 13.41 -6.68 -12.35
N LYS B 118 13.14 -6.12 -13.52
CA LYS B 118 13.83 -4.94 -14.01
C LYS B 118 14.13 -4.01 -12.83
N ILE B 119 13.09 -3.71 -12.06
CA ILE B 119 13.17 -2.80 -10.92
C ILE B 119 14.11 -3.33 -9.83
N ILE B 120 13.99 -4.63 -9.53
CA ILE B 120 14.82 -5.26 -8.50
C ILE B 120 16.28 -5.18 -8.89
N ASP B 121 16.62 -5.51 -10.14
CA ASP B 121 18.00 -5.39 -10.65
C ASP B 121 18.54 -3.98 -10.40
N GLU B 122 17.73 -2.99 -10.80
CA GLU B 122 18.06 -1.60 -10.68
C GLU B 122 18.29 -1.17 -9.24
N PHE B 123 17.46 -1.69 -8.34
CA PHE B 123 17.64 -1.55 -6.89
C PHE B 123 18.99 -2.09 -6.40
N LYS B 124 19.49 -3.13 -7.05
CA LYS B 124 20.81 -3.66 -6.68
C LYS B 124 21.90 -2.81 -7.31
N LYS B 125 21.67 -2.43 -8.57
CA LYS B 125 22.60 -1.62 -9.32
C LYS B 125 22.83 -0.27 -8.65
N GLN B 126 21.80 0.28 -8.03
CA GLN B 126 21.91 1.65 -7.50
C GLN B 126 22.28 1.67 -6.02
N TYR B 127 22.64 0.50 -5.50
CA TYR B 127 23.05 0.37 -4.11
C TYR B 127 24.03 -0.81 -3.99
N ASN B 128 23.57 -1.94 -3.48
CA ASN B 128 24.42 -3.09 -3.29
C ASN B 128 23.58 -4.34 -3.46
N ASP B 129 24.15 -5.32 -4.17
CA ASP B 129 23.51 -6.59 -4.47
C ASP B 129 22.96 -7.32 -3.26
N ASP B 130 23.70 -7.30 -2.15
CA ASP B 130 23.35 -8.09 -0.98
C ASP B 130 22.41 -7.43 -0.01
N LYS B 131 22.02 -6.18 -0.31
CA LYS B 131 21.20 -5.41 0.63
C LYS B 131 19.73 -5.38 0.22
N ILE B 132 19.40 -6.01 -0.90
CA ILE B 132 18.06 -5.96 -1.45
C ILE B 132 17.41 -7.33 -1.34
N LYS B 133 16.46 -7.47 -0.43
CA LYS B 133 15.66 -8.70 -0.32
C LYS B 133 14.32 -8.52 -1.02
N ILE B 134 13.72 -9.61 -1.51
CA ILE B 134 12.43 -9.52 -2.22
C ILE B 134 11.38 -10.49 -1.69
N GLY B 135 10.17 -10.41 -2.23
CA GLY B 135 9.08 -11.32 -1.86
C GLY B 135 9.04 -12.52 -2.79
N LYS B 136 7.84 -13.03 -3.06
CA LYS B 136 7.67 -13.98 -4.15
C LYS B 136 6.44 -13.48 -4.92
N PHE B 137 6.74 -12.69 -5.95
CA PHE B 137 5.73 -11.99 -6.74
C PHE B 137 4.46 -12.81 -6.97
N GLY B 138 3.32 -12.17 -6.73
CA GLY B 138 2.03 -12.75 -7.05
C GLY B 138 1.54 -13.70 -5.98
N ASN B 139 2.45 -14.51 -5.42
CA ASN B 139 2.10 -15.45 -4.36
C ASN B 139 1.72 -14.85 -3.02
N TYR B 140 0.89 -15.60 -2.28
CA TYR B 140 0.50 -15.25 -0.92
C TYR B 140 1.72 -15.23 -0.01
N MET B 141 1.78 -14.21 0.85
CA MET B 141 2.91 -14.01 1.74
C MET B 141 2.44 -13.63 3.14
N ASN B 142 3.24 -14.00 4.13
CA ASN B 142 3.07 -13.61 5.54
C ASN B 142 4.30 -12.80 5.86
N ILE B 143 4.15 -11.63 6.47
CA ILE B 143 5.32 -10.81 6.77
C ILE B 143 5.25 -10.20 8.17
N ASP B 144 6.25 -10.56 8.98
CA ASP B 144 6.39 -9.97 10.31
C ASP B 144 7.26 -8.75 10.18
N VAL B 145 6.74 -7.63 10.66
CA VAL B 145 7.44 -6.36 10.54
C VAL B 145 7.51 -5.73 11.91
N THR B 146 8.74 -5.44 12.31
CA THR B 146 8.96 -4.63 13.48
C THR B 146 9.07 -3.19 13.00
N ASN B 147 7.97 -2.45 13.16
CA ASN B 147 7.89 -1.07 12.73
C ASN B 147 8.56 -0.17 13.74
N ASP B 148 9.58 0.55 13.27
CA ASP B 148 10.39 1.42 14.10
C ASP B 148 9.95 2.87 13.93
N GLY B 149 9.18 3.35 14.91
CA GLY B 149 8.66 4.72 14.93
C GLY B 149 7.19 4.76 15.34
N PRO B 150 6.27 4.21 14.52
CA PRO B 150 6.54 3.75 13.15
C PRO B 150 6.85 4.93 12.25
N VAL B 151 7.30 4.66 11.04
CA VAL B 151 7.52 5.73 10.06
C VAL B 151 6.95 5.24 8.77
N THR B 152 5.88 5.87 8.33
CA THR B 152 5.27 5.51 7.05
C THR B 152 5.36 6.66 6.07
N ILE B 153 5.89 6.35 4.89
CA ILE B 153 5.99 7.30 3.80
C ILE B 153 5.18 6.78 2.64
N TYR B 154 4.43 7.67 1.99
CA TYR B 154 3.70 7.35 0.77
C TYR B 154 4.12 8.23 -0.40
N ILE B 155 4.43 7.59 -1.53
CA ILE B 155 4.72 8.30 -2.77
C ILE B 155 3.90 7.74 -3.92
N ASP B 156 3.18 8.61 -4.61
CA ASP B 156 2.54 8.28 -5.91
C ASP B 156 3.32 9.03 -6.99
N THR B 157 3.99 8.32 -7.90
CA THR B 157 4.79 9.04 -8.90
C THR B 157 3.93 9.86 -9.85
N HIS B 158 2.70 9.43 -10.09
CA HIS B 158 1.78 10.20 -10.95
C HIS B 158 1.43 11.60 -10.38
N ASP B 159 1.99 11.95 -9.24
CA ASP B 159 1.92 13.33 -8.78
C ASP B 159 3.10 14.14 -9.32
N ILE B 160 3.90 13.54 -10.19
CA ILE B 160 5.07 14.22 -10.76
C ILE B 160 5.07 14.17 -12.29
N MET C 1 -57.84 -6.86 13.41
CA MET C 1 -57.01 -7.33 12.26
C MET C 1 -55.59 -6.77 12.38
N ARG C 2 -54.65 -7.44 11.72
CA ARG C 2 -53.22 -7.10 11.73
C ARG C 2 -52.71 -7.12 10.30
N VAL C 3 -52.15 -6.01 9.85
CA VAL C 3 -51.45 -6.01 8.56
C VAL C 3 -49.96 -5.71 8.73
N VAL C 4 -49.13 -6.32 7.90
CA VAL C 4 -47.74 -5.89 7.77
C VAL C 4 -47.53 -5.32 6.36
N ILE C 5 -47.43 -4.00 6.25
CA ILE C 5 -47.21 -3.35 4.96
C ILE C 5 -45.72 -3.17 4.67
N GLN C 6 -45.30 -3.61 3.47
CA GLN C 6 -43.93 -3.40 2.99
C GLN C 6 -43.94 -2.69 1.64
N ARG C 7 -43.11 -1.66 1.50
CA ARG C 7 -43.00 -0.90 0.29
C ARG C 7 -42.06 -1.61 -0.70
N VAL C 8 -42.47 -1.63 -1.97
CA VAL C 8 -41.77 -2.46 -2.96
C VAL C 8 -41.51 -1.82 -4.31
N LYS C 9 -40.46 -2.32 -4.97
CA LYS C 9 -40.18 -2.00 -6.37
C LYS C 9 -40.83 -3.08 -7.25
N GLY C 10 -41.12 -4.23 -6.64
CA GLY C 10 -41.79 -5.32 -7.35
C GLY C 10 -41.98 -6.50 -6.44
N ALA C 11 -42.87 -7.41 -6.82
CA ALA C 11 -43.11 -8.68 -6.10
C ALA C 11 -43.70 -9.71 -7.05
N ILE C 12 -43.14 -10.91 -7.05
CA ILE C 12 -43.56 -11.95 -7.99
C ILE C 12 -44.12 -13.11 -7.17
N LEU C 13 -45.43 -13.31 -7.23
CA LEU C 13 -46.11 -14.38 -6.48
C LEU C 13 -46.28 -15.68 -7.27
N SER C 14 -45.86 -16.80 -6.68
CA SER C 14 -45.91 -18.09 -7.36
C SER C 14 -46.30 -19.27 -6.47
N VAL C 15 -46.97 -20.27 -7.06
CA VAL C 15 -47.34 -21.54 -6.38
C VAL C 15 -46.65 -22.76 -6.98
N ARG C 16 -46.81 -23.90 -6.34
CA ARG C 16 -46.38 -25.18 -6.93
C ARG C 16 -47.42 -25.72 -7.90
N LYS C 17 -46.96 -26.30 -9.01
CA LYS C 17 -47.87 -27.06 -9.87
C LYS C 17 -47.82 -28.54 -9.46
N GLU C 18 -48.92 -29.27 -9.67
CA GLU C 18 -48.93 -30.72 -9.49
C GLU C 18 -48.19 -31.43 -10.60
N ASN C 19 -48.49 -31.04 -11.84
CA ASN C 19 -47.85 -31.63 -13.00
C ASN C 19 -46.44 -31.08 -13.12
N ILE C 20 -45.51 -31.69 -12.38
CA ILE C 20 -44.10 -31.28 -12.41
C ILE C 20 -43.22 -32.48 -12.16
N GLY C 21 -42.18 -32.65 -12.97
CA GLY C 21 -41.27 -33.77 -12.76
C GLY C 21 -39.87 -33.58 -13.29
N GLU C 22 -38.91 -33.63 -12.38
CA GLU C 22 -37.48 -33.50 -12.63
C GLU C 22 -37.05 -32.43 -13.61
N ASN C 23 -37.40 -32.59 -14.87
CA ASN C 23 -36.89 -31.64 -15.85
C ASN C 23 -36.63 -30.28 -15.22
N GLU C 24 -37.65 -29.45 -15.10
CA GLU C 24 -39.00 -29.81 -15.50
C GLU C 24 -39.96 -29.10 -14.60
N LYS C 25 -39.49 -28.07 -13.90
CA LYS C 25 -40.34 -27.34 -12.98
C LYS C 25 -39.91 -25.91 -12.83
N GLU C 26 -40.70 -25.07 -12.19
CA GLU C 26 -42.00 -25.41 -11.61
C GLU C 26 -41.89 -25.70 -10.13
N LEU C 27 -42.56 -24.96 -9.22
CA LEU C 27 -43.01 -23.52 -9.22
C LEU C 27 -43.43 -22.66 -10.45
N GLU C 28 -44.58 -21.99 -10.34
CA GLU C 28 -45.11 -21.18 -11.43
C GLU C 28 -45.72 -19.85 -10.96
N ILE C 29 -45.50 -18.78 -11.74
CA ILE C 29 -45.95 -17.46 -11.35
C ILE C 29 -47.43 -17.27 -11.68
N ILE C 30 -48.14 -16.57 -10.80
CA ILE C 30 -49.56 -16.26 -11.00
C ILE C 30 -50.01 -14.82 -10.66
N SER C 31 -49.17 -14.01 -10.00
CA SER C 31 -49.44 -12.59 -9.71
C SER C 31 -48.15 -11.82 -9.69
N GLU C 32 -48.16 -10.65 -10.31
CA GLU C 32 -47.03 -9.79 -10.32
C GLU C 32 -47.48 -8.40 -9.92
N ILE C 33 -46.60 -7.66 -9.24
CA ILE C 33 -46.76 -6.21 -9.08
C ILE C 33 -45.43 -5.51 -9.29
N LYS C 34 -45.47 -4.24 -9.67
CA LYS C 34 -44.27 -3.42 -9.83
C LYS C 34 -44.10 -2.58 -8.57
N ASN C 35 -43.99 -1.26 -8.72
CA ASN C 35 -43.94 -0.37 -7.56
C ASN C 35 -45.28 -0.32 -6.89
N GLY C 36 -45.25 -0.29 -5.56
CA GLY C 36 -46.45 -0.40 -4.75
C GLY C 36 -46.16 -1.06 -3.42
N LEU C 37 -47.17 -1.73 -2.85
CA LEU C 37 -47.06 -2.36 -1.55
C LEU C 37 -47.45 -3.84 -1.52
N ILE C 38 -46.91 -4.55 -0.55
CA ILE C 38 -47.33 -5.91 -0.28
C ILE C 38 -47.84 -5.92 1.17
N CYS C 39 -49.03 -6.46 1.36
CA CYS C 39 -49.72 -6.35 2.63
C CYS C 39 -50.08 -7.71 3.13
N PHE C 40 -49.37 -8.15 4.14
CA PHE C 40 -49.61 -9.45 4.72
C PHE C 40 -50.74 -9.35 5.71
N LEU C 41 -51.90 -9.89 5.33
CA LEU C 41 -53.15 -9.72 6.09
C LEU C 41 -53.46 -10.85 7.05
N GLY C 42 -53.50 -10.52 8.33
CA GLY C 42 -53.90 -11.45 9.37
C GLY C 42 -55.29 -11.11 9.89
N ILE C 43 -56.18 -12.09 9.88
CA ILE C 43 -57.57 -11.85 10.26
C ILE C 43 -57.96 -12.55 11.55
N HIS C 44 -58.33 -11.75 12.55
CA HIS C 44 -58.72 -12.21 13.90
C HIS C 44 -60.06 -12.96 13.91
N LYS C 45 -60.23 -13.90 14.85
CA LYS C 45 -61.51 -14.59 14.98
C LYS C 45 -62.67 -13.67 15.38
N ASN C 46 -62.36 -12.59 16.09
CA ASN C 46 -63.37 -11.59 16.44
C ASN C 46 -63.31 -10.37 15.54
N ASP C 47 -62.88 -10.59 14.30
CA ASP C 47 -62.76 -9.48 13.36
C ASP C 47 -64.11 -9.07 12.81
N THR C 48 -64.42 -7.78 12.96
CA THR C 48 -65.63 -7.18 12.40
C THR C 48 -65.26 -6.61 11.03
N TRP C 49 -66.25 -6.27 10.21
CA TRP C 49 -65.98 -5.60 8.94
C TRP C 49 -65.44 -4.19 9.20
N GLU C 50 -65.50 -3.75 10.46
CA GLU C 50 -64.91 -2.47 10.87
C GLU C 50 -63.39 -2.52 10.73
N ASP C 51 -62.81 -3.57 11.32
CA ASP C 51 -61.40 -3.91 11.18
C ASP C 51 -60.97 -3.86 9.70
N ALA C 52 -61.75 -4.52 8.84
CA ALA C 52 -61.49 -4.54 7.41
C ALA C 52 -61.39 -3.17 6.75
N LEU C 53 -62.21 -2.21 7.19
CA LEU C 53 -62.20 -0.87 6.58
C LEU C 53 -60.99 -0.03 6.98
N TYR C 54 -60.59 -0.10 8.25
CA TYR C 54 -59.47 0.70 8.75
C TYR C 54 -58.15 0.29 8.10
N ILE C 55 -58.02 -1.00 7.78
CA ILE C 55 -56.89 -1.51 7.03
C ILE C 55 -57.01 -1.02 5.59
N ILE C 56 -58.06 -1.44 4.87
CA ILE C 56 -58.22 -1.10 3.46
C ILE C 56 -57.98 0.38 3.16
N ARG C 57 -58.56 1.25 3.97
CA ARG C 57 -58.46 2.70 3.74
C ARG C 57 -57.04 3.21 3.96
N LYS C 58 -56.42 2.76 5.06
CA LYS C 58 -55.04 3.13 5.36
C LYS C 58 -54.10 2.68 4.24
N CYS C 59 -54.08 1.37 3.97
CA CYS C 59 -53.22 0.81 2.92
C CYS C 59 -53.20 1.71 1.71
N LEU C 60 -54.39 2.07 1.23
CA LEU C 60 -54.55 2.82 -0.01
C LEU C 60 -54.14 4.28 0.12
N ASN C 61 -54.31 4.85 1.32
CA ASN C 61 -54.07 6.29 1.53
C ASN C 61 -52.83 6.69 2.35
N LEU C 62 -52.29 5.76 3.13
CA LEU C 62 -51.02 5.95 3.81
C LEU C 62 -49.95 6.49 2.85
N ARG C 63 -49.15 7.43 3.32
CA ARG C 63 -48.25 8.16 2.45
C ARG C 63 -46.79 7.81 2.72
N LEU C 64 -46.26 6.92 1.89
CA LEU C 64 -45.00 6.24 2.17
C LEU C 64 -43.94 6.48 1.11
N TRP C 65 -44.27 7.33 0.13
CA TRP C 65 -43.34 7.65 -0.94
C TRP C 65 -42.92 9.12 -0.94
N ASN C 66 -41.65 9.35 -1.22
CA ASN C 66 -41.09 10.69 -1.38
C ASN C 66 -41.55 11.29 -2.70
N ASN C 67 -41.72 12.61 -2.73
CA ASN C 67 -42.23 13.30 -3.91
C ASN C 67 -41.17 14.18 -4.60
N ASP C 68 -39.89 13.80 -4.41
CA ASP C 68 -38.73 14.55 -4.91
C ASP C 68 -38.74 15.95 -4.30
N ASN C 69 -38.05 16.11 -3.17
CA ASN C 69 -38.07 17.34 -2.35
C ASN C 69 -39.13 17.29 -1.26
N LYS C 70 -40.07 16.35 -1.37
CA LYS C 70 -41.08 16.18 -0.32
C LYS C 70 -41.03 14.74 0.18
N THR C 71 -40.79 14.56 1.48
CA THR C 71 -40.77 13.21 2.05
C THR C 71 -42.16 12.81 2.56
N TRP C 72 -42.35 11.51 2.80
CA TRP C 72 -43.62 10.92 3.26
C TRP C 72 -44.85 11.64 2.69
N ASP C 73 -44.80 11.89 1.39
CA ASP C 73 -45.82 12.69 0.71
C ASP C 73 -46.89 11.84 0.02
N LYS C 74 -46.49 10.97 -0.90
CA LYS C 74 -47.46 10.31 -1.77
C LYS C 74 -47.89 8.90 -1.34
N ASN C 75 -49.05 8.47 -1.83
CA ASN C 75 -49.57 7.13 -1.55
C ASN C 75 -49.81 6.29 -2.81
N VAL C 76 -50.19 5.03 -2.59
CA VAL C 76 -50.30 4.03 -3.66
C VAL C 76 -51.25 4.44 -4.77
N LYS C 77 -52.32 5.12 -4.39
CA LYS C 77 -53.32 5.63 -5.34
C LYS C 77 -52.72 6.74 -6.21
N ASP C 78 -52.06 7.68 -5.54
CA ASP C 78 -51.41 8.83 -6.21
C ASP C 78 -50.54 8.42 -7.40
N LEU C 79 -49.61 7.49 -7.17
CA LEU C 79 -48.59 7.18 -8.16
C LEU C 79 -48.99 6.12 -9.18
N ASN C 80 -50.26 5.70 -9.14
CA ASN C 80 -50.81 4.62 -10.00
C ASN C 80 -49.98 3.33 -9.79
N TYR C 81 -49.69 3.05 -8.53
CA TYR C 81 -48.91 1.90 -8.10
C TYR C 81 -49.82 0.79 -7.56
N GLU C 82 -49.28 -0.41 -7.38
CA GLU C 82 -50.09 -1.61 -7.21
C GLU C 82 -50.04 -2.17 -5.82
N LEU C 83 -51.01 -3.01 -5.49
CA LEU C 83 -51.01 -3.73 -4.21
C LEU C 83 -51.12 -5.24 -4.40
N LEU C 84 -50.31 -5.96 -3.64
CA LEU C 84 -50.40 -7.40 -3.61
C LEU C 84 -50.85 -7.73 -2.19
N ILE C 85 -52.03 -8.33 -2.09
CA ILE C 85 -52.61 -8.63 -0.79
C ILE C 85 -52.55 -10.12 -0.50
N VAL C 86 -51.98 -10.48 0.63
CA VAL C 86 -51.82 -11.88 0.95
C VAL C 86 -52.34 -12.18 2.36
N SER C 87 -53.07 -13.27 2.51
CA SER C 87 -53.55 -13.69 3.82
C SER C 87 -52.39 -14.28 4.59
N GLN C 88 -52.29 -13.87 5.86
CA GLN C 88 -51.19 -14.30 6.71
C GLN C 88 -51.65 -14.56 8.12
N PHE C 89 -52.30 -15.70 8.33
CA PHE C 89 -52.77 -16.05 9.65
C PHE C 89 -51.63 -16.16 10.67
N THR C 90 -50.40 -16.35 10.18
CA THR C 90 -49.26 -16.54 11.07
C THR C 90 -49.02 -15.30 11.94
N LEU C 91 -49.64 -14.19 11.56
CA LEU C 91 -49.54 -12.93 12.29
C LEU C 91 -50.23 -12.99 13.64
N PHE C 92 -51.07 -14.02 13.84
CA PHE C 92 -51.77 -14.23 15.10
C PHE C 92 -51.18 -15.41 15.85
N GLY C 93 -49.95 -15.78 15.48
CA GLY C 93 -49.22 -16.82 16.17
C GLY C 93 -48.83 -16.35 17.56
N ASN C 94 -49.21 -17.13 18.58
CA ASN C 94 -48.74 -16.88 19.92
C ASN C 94 -47.33 -17.40 20.07
N THR C 95 -46.44 -16.51 20.48
CA THR C 95 -45.00 -16.79 20.58
C THR C 95 -44.52 -16.81 22.03
N LYS C 96 -45.39 -16.30 22.92
CA LYS C 96 -45.10 -16.18 24.36
C LYS C 96 -45.19 -17.48 25.16
N LYS C 97 -45.96 -18.46 24.67
CA LYS C 97 -46.14 -19.72 25.41
C LYS C 97 -44.89 -20.62 25.41
N GLY C 98 -44.31 -20.85 24.24
CA GLY C 98 -43.13 -21.73 24.10
C GLY C 98 -42.43 -21.55 22.76
N ASN C 99 -41.58 -22.51 22.40
CA ASN C 99 -40.81 -22.41 21.14
C ASN C 99 -41.57 -22.87 19.89
N LYS C 100 -42.89 -23.04 20.05
CA LYS C 100 -43.79 -23.41 18.97
C LYS C 100 -45.01 -22.47 18.97
N PRO C 101 -45.25 -21.76 17.85
CA PRO C 101 -46.33 -20.76 17.83
C PRO C 101 -47.69 -21.39 17.58
N ASP C 102 -48.75 -20.72 18.07
CA ASP C 102 -50.11 -21.19 17.84
C ASP C 102 -51.14 -20.08 17.63
N PHE C 103 -52.15 -20.38 16.83
CA PHE C 103 -52.93 -19.35 16.13
C PHE C 103 -54.42 -19.42 16.50
N HIS C 104 -54.70 -19.90 17.72
CA HIS C 104 -56.07 -20.08 18.23
C HIS C 104 -56.92 -18.82 18.14
N LEU C 105 -56.27 -17.68 17.97
CA LEU C 105 -56.94 -16.39 17.90
C LEU C 105 -57.21 -15.93 16.46
N ALA C 106 -56.76 -16.72 15.49
CA ALA C 106 -56.92 -16.36 14.08
C ALA C 106 -58.19 -16.98 13.52
N LYS C 107 -58.95 -16.16 12.81
CA LYS C 107 -60.19 -16.60 12.20
C LYS C 107 -60.03 -17.91 11.43
N GLU C 108 -61.06 -18.75 11.57
CA GLU C 108 -61.16 -20.08 11.01
C GLU C 108 -60.98 -20.05 9.46
N PRO C 109 -60.22 -21.01 8.90
CA PRO C 109 -59.89 -21.06 7.47
C PRO C 109 -61.06 -21.07 6.48
N ASN C 110 -62.28 -21.37 6.90
CA ASN C 110 -63.43 -21.31 5.99
C ASN C 110 -63.97 -19.91 5.86
N GLU C 111 -64.14 -19.27 7.02
CA GLU C 111 -64.75 -17.96 7.11
C GLU C 111 -63.76 -16.85 6.88
N ALA C 112 -62.49 -17.17 7.12
CA ALA C 112 -61.42 -16.27 6.79
C ALA C 112 -61.44 -16.04 5.29
N LEU C 113 -61.48 -17.13 4.52
CA LEU C 113 -61.49 -17.05 3.06
C LEU C 113 -62.55 -16.10 2.52
N ILE C 114 -63.72 -16.14 3.13
CA ILE C 114 -64.84 -15.31 2.73
C ILE C 114 -64.55 -13.83 3.02
N PHE C 115 -64.03 -13.55 4.21
CA PHE C 115 -63.69 -12.20 4.64
C PHE C 115 -62.66 -11.50 3.74
N TYR C 116 -61.54 -12.19 3.50
CA TYR C 116 -60.44 -11.75 2.62
C TYR C 116 -60.95 -11.44 1.24
N ASN C 117 -61.78 -12.32 0.69
CA ASN C 117 -62.41 -12.11 -0.61
C ASN C 117 -63.25 -10.84 -0.68
N LYS C 118 -63.96 -10.53 0.40
CA LYS C 118 -64.73 -9.30 0.45
C LYS C 118 -63.77 -8.11 0.45
N ILE C 119 -62.77 -8.19 1.33
CA ILE C 119 -61.72 -7.19 1.45
C ILE C 119 -61.09 -6.93 0.08
N ILE C 120 -60.83 -7.99 -0.67
CA ILE C 120 -60.29 -7.86 -2.02
C ILE C 120 -61.28 -7.12 -2.93
N ASP C 121 -62.56 -7.50 -2.86
CA ASP C 121 -63.61 -6.87 -3.65
C ASP C 121 -63.77 -5.40 -3.30
N GLU C 122 -63.60 -5.09 -2.02
CA GLU C 122 -63.59 -3.71 -1.54
C GLU C 122 -62.34 -2.97 -2.03
N PHE C 123 -61.19 -3.65 -2.03
CA PHE C 123 -59.95 -3.06 -2.54
C PHE C 123 -60.13 -2.66 -4.00
N LYS C 124 -60.62 -3.60 -4.80
CA LYS C 124 -60.94 -3.32 -6.19
C LYS C 124 -61.94 -2.17 -6.31
N LYS C 125 -62.82 -2.07 -5.32
CA LYS C 125 -63.90 -1.08 -5.30
C LYS C 125 -63.42 0.35 -5.03
N GLN C 126 -62.55 0.50 -4.02
CA GLN C 126 -62.01 1.80 -3.66
C GLN C 126 -60.92 2.27 -4.64
N TYR C 127 -60.16 1.33 -5.20
CA TYR C 127 -59.14 1.66 -6.19
C TYR C 127 -59.62 1.33 -7.61
N ASN C 128 -59.15 0.20 -8.12
CA ASN C 128 -59.25 -0.13 -9.53
C ASN C 128 -58.66 -1.52 -9.70
N ASP C 129 -59.53 -2.48 -9.94
CA ASP C 129 -59.16 -3.91 -10.02
C ASP C 129 -57.92 -4.28 -10.85
N ASP C 130 -57.46 -3.38 -11.74
CA ASP C 130 -56.18 -3.56 -12.42
C ASP C 130 -55.01 -3.35 -11.44
N LYS C 131 -55.30 -2.84 -10.25
CA LYS C 131 -54.25 -2.49 -9.30
C LYS C 131 -54.28 -3.28 -7.98
N ILE C 132 -55.05 -4.37 -7.94
CA ILE C 132 -55.10 -5.23 -6.76
C ILE C 132 -54.92 -6.71 -7.11
N LYS C 133 -53.71 -7.22 -6.90
CA LYS C 133 -53.40 -8.63 -7.17
C LYS C 133 -53.46 -9.43 -5.87
N ILE C 134 -53.63 -10.74 -5.99
CA ILE C 134 -53.78 -11.62 -4.82
C ILE C 134 -52.97 -12.90 -4.98
N GLY C 135 -53.07 -13.80 -4.00
CA GLY C 135 -52.44 -15.12 -4.10
C GLY C 135 -53.45 -16.25 -4.15
N LYS C 136 -53.05 -17.44 -3.72
CA LYS C 136 -53.99 -18.55 -3.49
C LYS C 136 -54.17 -18.69 -1.99
N PHE C 137 -55.30 -18.20 -1.49
CA PHE C 137 -55.55 -18.09 -0.07
C PHE C 137 -54.94 -19.19 0.83
N GLY C 138 -55.33 -20.45 0.64
CA GLY C 138 -54.87 -21.47 1.58
C GLY C 138 -53.66 -22.25 1.13
N ASN C 139 -52.90 -21.68 0.19
CA ASN C 139 -51.82 -22.42 -0.49
C ASN C 139 -50.42 -21.99 -0.14
N TYR C 140 -49.47 -22.93 -0.22
CA TYR C 140 -48.08 -22.58 -0.07
C TYR C 140 -47.68 -21.67 -1.21
N MET C 141 -47.17 -20.49 -0.86
CA MET C 141 -46.72 -19.52 -1.83
C MET C 141 -45.23 -19.25 -1.77
N ASN C 142 -44.75 -18.68 -2.86
CA ASN C 142 -43.37 -18.25 -3.00
C ASN C 142 -43.44 -16.80 -3.48
N ILE C 143 -42.95 -15.86 -2.67
CA ILE C 143 -43.03 -14.44 -3.03
C ILE C 143 -41.65 -13.77 -3.03
N ASP C 144 -41.15 -13.49 -4.23
CA ASP C 144 -39.93 -12.73 -4.46
C ASP C 144 -40.25 -11.25 -4.44
N VAL C 145 -39.80 -10.58 -3.40
CA VAL C 145 -40.17 -9.20 -3.13
C VAL C 145 -38.92 -8.36 -3.31
N THR C 146 -39.04 -7.20 -3.95
CA THR C 146 -37.93 -6.27 -3.90
C THR C 146 -38.25 -5.15 -2.92
N ASN C 147 -37.80 -5.33 -1.67
CA ASN C 147 -38.06 -4.37 -0.60
C ASN C 147 -37.38 -3.04 -0.88
N ASP C 148 -38.18 -1.98 -0.86
CA ASP C 148 -37.72 -0.63 -1.20
C ASP C 148 -37.57 0.24 0.05
N GLY C 149 -36.37 0.22 0.63
CA GLY C 149 -36.04 1.05 1.81
C GLY C 149 -35.26 0.31 2.88
N PRO C 150 -35.86 -0.73 3.46
CA PRO C 150 -37.27 -1.04 3.28
C PRO C 150 -38.18 -0.09 4.05
N VAL C 151 -39.48 -0.23 3.88
CA VAL C 151 -40.43 0.56 4.64
C VAL C 151 -41.41 -0.46 5.18
N THR C 152 -41.46 -0.60 6.49
CA THR C 152 -42.28 -1.63 7.08
C THR C 152 -43.18 -1.05 8.16
N ILE C 153 -44.44 -0.86 7.79
CA ILE C 153 -45.46 -0.38 8.70
C ILE C 153 -46.23 -1.54 9.33
N TYR C 154 -46.69 -1.34 10.57
CA TYR C 154 -47.49 -2.34 11.27
C TYR C 154 -48.75 -1.76 11.92
N ILE C 155 -49.90 -2.19 11.41
CA ILE C 155 -51.19 -1.78 11.97
C ILE C 155 -51.95 -2.97 12.56
N ASP C 156 -52.26 -2.90 13.86
CA ASP C 156 -53.19 -3.83 14.49
C ASP C 156 -54.44 -3.07 14.91
N THR C 157 -55.57 -3.35 14.24
CA THR C 157 -56.79 -2.57 14.46
C THR C 157 -57.36 -2.68 15.88
N HIS C 158 -57.06 -3.79 16.55
CA HIS C 158 -57.48 -4.00 17.94
C HIS C 158 -56.70 -3.12 18.93
N ASP C 159 -56.20 -1.98 18.42
CA ASP C 159 -55.43 -1.00 19.20
C ASP C 159 -56.00 0.41 19.07
N MET D 1 -39.49 -3.09 21.82
CA MET D 1 -38.79 -3.62 20.61
C MET D 1 -39.76 -4.45 19.82
N ARG D 2 -39.89 -4.09 18.54
CA ARG D 2 -40.75 -4.84 17.65
C ARG D 2 -39.91 -5.47 16.52
N VAL D 3 -40.14 -6.77 16.27
CA VAL D 3 -39.58 -7.45 15.09
C VAL D 3 -40.64 -8.12 14.22
N VAL D 4 -40.60 -7.82 12.93
CA VAL D 4 -41.29 -8.61 11.93
C VAL D 4 -40.31 -9.66 11.41
N ILE D 5 -40.44 -10.89 11.90
CA ILE D 5 -39.66 -12.01 11.40
C ILE D 5 -40.31 -12.57 10.13
N GLN D 6 -39.51 -12.90 9.11
CA GLN D 6 -40.03 -13.59 7.90
C GLN D 6 -39.24 -14.82 7.46
N ARG D 7 -39.92 -15.85 6.98
CA ARG D 7 -39.26 -17.08 6.55
C ARG D 7 -38.79 -16.90 5.10
N VAL D 8 -37.58 -17.36 4.80
CA VAL D 8 -36.99 -17.15 3.48
C VAL D 8 -36.32 -18.40 2.90
N LYS D 9 -36.27 -18.46 1.58
CA LYS D 9 -35.40 -19.42 0.87
C LYS D 9 -34.09 -18.72 0.53
N GLY D 10 -34.06 -17.40 0.73
CA GLY D 10 -32.93 -16.54 0.41
C GLY D 10 -33.25 -15.05 0.48
N ALA D 11 -32.20 -14.23 0.59
CA ALA D 11 -32.29 -12.75 0.65
C ALA D 11 -30.96 -12.07 0.34
N ILE D 12 -31.02 -10.98 -0.43
CA ILE D 12 -29.86 -10.19 -0.88
C ILE D 12 -30.06 -8.68 -0.63
N LEU D 13 -29.25 -8.11 0.26
CA LEU D 13 -29.38 -6.70 0.64
C LEU D 13 -28.44 -5.84 -0.19
N SER D 14 -28.92 -4.69 -0.65
CA SER D 14 -28.08 -3.79 -1.43
C SER D 14 -28.19 -2.34 -1.00
N VAL D 15 -27.22 -1.53 -1.45
CA VAL D 15 -27.21 -0.07 -1.21
C VAL D 15 -26.76 0.68 -2.47
N ARG D 16 -26.91 1.99 -2.47
CA ARG D 16 -26.44 2.83 -3.58
C ARG D 16 -24.91 2.86 -3.61
N LYS D 17 -24.31 2.99 -4.80
CA LYS D 17 -22.84 3.07 -4.86
C LYS D 17 -22.32 4.48 -4.73
N GLU D 26 -27.48 2.82 -9.67
CA GLU D 26 -26.97 1.44 -9.67
C GLU D 26 -26.46 1.07 -8.27
N LEU D 27 -26.62 -0.19 -7.91
CA LEU D 27 -26.48 -0.63 -6.52
C LEU D 27 -25.27 -1.53 -6.30
N GLU D 28 -25.00 -1.85 -5.03
CA GLU D 28 -23.93 -2.77 -4.68
C GLU D 28 -24.45 -3.77 -3.66
N ILE D 29 -24.21 -5.05 -3.92
CA ILE D 29 -24.56 -6.08 -2.95
C ILE D 29 -23.62 -5.95 -1.75
N ILE D 30 -24.19 -5.94 -0.56
CA ILE D 30 -23.38 -5.91 0.66
C ILE D 30 -23.73 -7.01 1.66
N SER D 31 -24.75 -7.83 1.36
CA SER D 31 -25.21 -8.94 2.22
C SER D 31 -26.09 -9.98 1.53
N GLU D 32 -25.87 -11.25 1.86
CA GLU D 32 -26.64 -12.36 1.29
C GLU D 32 -26.86 -13.47 2.27
N ILE D 33 -28.04 -14.08 2.18
CA ILE D 33 -28.28 -15.30 2.92
C ILE D 33 -29.09 -16.22 2.03
N LYS D 34 -28.93 -17.54 2.21
CA LYS D 34 -29.86 -18.51 1.61
C LYS D 34 -31.06 -18.66 2.56
N ASN D 35 -31.34 -19.89 3.01
CA ASN D 35 -32.48 -20.15 3.90
C ASN D 35 -32.33 -19.55 5.27
N GLY D 36 -33.43 -19.04 5.80
CA GLY D 36 -33.43 -18.51 7.16
C GLY D 36 -34.47 -17.44 7.43
N LEU D 37 -34.08 -16.45 8.23
CA LEU D 37 -35.03 -15.44 8.64
C LEU D 37 -34.48 -14.07 8.30
N ILE D 38 -35.35 -13.18 7.82
CA ILE D 38 -35.02 -11.78 7.74
C ILE D 38 -35.86 -11.07 8.80
N CYS D 39 -35.19 -10.55 9.82
CA CYS D 39 -35.86 -10.04 11.01
C CYS D 39 -35.81 -8.53 11.03
N PHE D 40 -36.93 -7.88 10.70
CA PHE D 40 -36.98 -6.42 10.58
C PHE D 40 -37.15 -5.84 11.96
N LEU D 41 -36.13 -5.12 12.45
CA LEU D 41 -36.09 -4.72 13.86
C LEU D 41 -36.19 -3.22 14.12
N GLY D 42 -37.22 -2.84 14.87
CA GLY D 42 -37.37 -1.49 15.36
C GLY D 42 -37.10 -1.43 16.86
N ILE D 43 -36.24 -0.50 17.24
CA ILE D 43 -35.83 -0.31 18.64
C ILE D 43 -36.59 0.86 19.22
N HIS D 44 -37.20 0.64 20.39
CA HIS D 44 -38.02 1.63 21.09
C HIS D 44 -37.18 2.64 21.87
N LYS D 45 -37.76 3.81 22.09
CA LYS D 45 -37.19 4.86 22.95
C LYS D 45 -36.77 4.28 24.31
N ASN D 46 -37.69 3.60 24.97
CA ASN D 46 -37.43 3.08 26.31
C ASN D 46 -37.12 1.60 26.31
N ASP D 47 -36.55 1.09 25.22
CA ASP D 47 -36.12 -0.29 25.19
C ASP D 47 -35.02 -0.59 26.23
N THR D 48 -34.95 -1.82 26.71
CA THR D 48 -33.83 -2.26 27.56
C THR D 48 -33.22 -3.57 27.05
N TRP D 49 -32.15 -4.01 27.69
CA TRP D 49 -31.48 -5.22 27.28
C TRP D 49 -32.40 -6.45 27.48
N GLU D 50 -33.47 -6.27 28.24
CA GLU D 50 -34.48 -7.31 28.40
C GLU D 50 -35.17 -7.58 27.06
N ASP D 51 -35.75 -6.52 26.48
CA ASP D 51 -36.36 -6.57 25.15
C ASP D 51 -35.43 -7.27 24.17
N ALA D 52 -34.27 -6.67 23.96
CA ALA D 52 -33.23 -7.23 23.12
C ALA D 52 -33.10 -8.74 23.25
N LEU D 53 -32.81 -9.23 24.46
CA LEU D 53 -32.61 -10.65 24.71
C LEU D 53 -33.81 -11.50 24.32
N TYR D 54 -35.02 -10.94 24.47
CA TYR D 54 -36.24 -11.66 24.14
C TYR D 54 -36.35 -11.87 22.64
N ILE D 55 -36.17 -10.78 21.88
CA ILE D 55 -36.13 -10.83 20.43
C ILE D 55 -35.09 -11.86 19.97
N ILE D 56 -33.86 -11.71 20.45
CA ILE D 56 -32.76 -12.61 20.11
C ILE D 56 -33.06 -14.08 20.47
N ARG D 57 -33.71 -14.30 21.60
CA ARG D 57 -34.05 -15.66 22.01
C ARG D 57 -35.17 -16.25 21.13
N LYS D 58 -36.13 -15.40 20.73
CA LYS D 58 -37.23 -15.84 19.88
C LYS D 58 -36.80 -16.08 18.43
N CYS D 59 -36.03 -15.15 17.87
CA CYS D 59 -35.54 -15.28 16.49
C CYS D 59 -34.78 -16.59 16.33
N LEU D 60 -33.85 -16.82 17.24
CA LEU D 60 -33.06 -18.04 17.21
C LEU D 60 -33.84 -19.33 17.55
N ASN D 61 -34.94 -19.23 18.29
CA ASN D 61 -35.57 -20.44 18.86
C ASN D 61 -36.98 -20.75 18.39
N LEU D 62 -37.67 -19.78 17.81
CA LEU D 62 -38.96 -20.04 17.19
C LEU D 62 -38.82 -21.16 16.18
N ARG D 63 -39.65 -22.18 16.34
CA ARG D 63 -39.61 -23.33 15.47
C ARG D 63 -40.53 -23.07 14.30
N LEU D 64 -39.96 -22.73 13.14
CA LEU D 64 -40.73 -22.16 12.00
C LEU D 64 -40.74 -22.92 10.67
N TRP D 65 -40.10 -24.08 10.64
CA TRP D 65 -40.06 -24.90 9.45
C TRP D 65 -40.75 -26.22 9.72
N ASN D 66 -41.31 -26.83 8.70
CA ASN D 66 -41.86 -28.18 8.83
C ASN D 66 -40.74 -29.17 9.10
N ASN D 67 -41.06 -30.32 9.68
CA ASN D 67 -40.16 -31.48 9.65
C ASN D 67 -40.94 -32.69 9.14
N ASP D 68 -40.58 -33.12 7.94
CA ASP D 68 -41.39 -34.01 7.14
C ASP D 68 -42.85 -33.59 7.29
N ASN D 69 -43.56 -34.33 8.12
CA ASN D 69 -44.97 -34.15 8.33
C ASN D 69 -45.32 -33.01 9.32
N LYS D 70 -44.53 -32.89 10.40
CA LYS D 70 -44.84 -31.98 11.51
C LYS D 70 -44.63 -30.52 11.11
N THR D 71 -45.66 -29.70 11.24
CA THR D 71 -45.54 -28.26 11.05
C THR D 71 -44.92 -27.60 12.28
N TRP D 72 -44.41 -26.38 12.11
CA TRP D 72 -43.74 -25.61 13.18
C TRP D 72 -42.96 -26.50 14.14
N ASP D 73 -41.91 -27.15 13.64
CA ASP D 73 -41.15 -28.15 14.41
C ASP D 73 -39.65 -27.86 14.58
N LYS D 74 -39.02 -27.31 13.55
CA LYS D 74 -37.58 -27.02 13.60
C LYS D 74 -37.35 -25.53 13.58
N ASN D 75 -36.27 -25.08 14.24
CA ASN D 75 -35.91 -23.66 14.22
C ASN D 75 -34.69 -23.36 13.36
N VAL D 76 -34.36 -22.08 13.22
CA VAL D 76 -33.23 -21.68 12.40
C VAL D 76 -31.91 -22.33 12.85
N LYS D 77 -31.74 -22.60 14.14
CA LYS D 77 -30.50 -23.24 14.62
C LYS D 77 -30.43 -24.72 14.25
N ASP D 78 -31.57 -25.42 14.37
CA ASP D 78 -31.64 -26.87 14.12
C ASP D 78 -31.28 -27.24 12.68
N LEU D 79 -31.41 -26.28 11.75
CA LEU D 79 -31.20 -26.53 10.31
C LEU D 79 -29.92 -25.89 9.77
N ASN D 80 -29.25 -25.13 10.61
CA ASN D 80 -28.03 -24.42 10.22
C ASN D 80 -28.25 -23.20 9.33
N TYR D 81 -29.46 -22.64 9.39
CA TYR D 81 -29.83 -21.54 8.50
C TYR D 81 -29.34 -20.20 9.03
N GLU D 82 -29.49 -19.17 8.20
CA GLU D 82 -28.95 -17.86 8.50
C GLU D 82 -30.03 -16.88 8.87
N LEU D 83 -29.61 -15.74 9.42
CA LEU D 83 -30.50 -14.62 9.68
C LEU D 83 -29.89 -13.34 9.15
N LEU D 84 -30.75 -12.50 8.57
CA LEU D 84 -30.37 -11.19 8.12
C LEU D 84 -31.14 -10.23 8.99
N ILE D 85 -30.44 -9.56 9.90
CA ILE D 85 -31.06 -8.66 10.87
C ILE D 85 -30.97 -7.25 10.31
N VAL D 86 -32.11 -6.67 9.95
CA VAL D 86 -32.15 -5.33 9.35
C VAL D 86 -32.73 -4.39 10.40
N SER D 87 -32.20 -3.17 10.44
CA SER D 87 -32.74 -2.16 11.34
C SER D 87 -33.93 -1.52 10.67
N GLN D 88 -35.05 -1.46 11.37
CA GLN D 88 -36.25 -0.89 10.75
C GLN D 88 -37.00 0.02 11.70
N PHE D 89 -36.83 1.33 11.51
CA PHE D 89 -37.42 2.31 12.44
C PHE D 89 -38.88 2.59 12.12
N THR D 90 -39.28 2.34 10.87
CA THR D 90 -40.65 2.59 10.44
C THR D 90 -41.63 1.65 11.15
N LEU D 91 -41.10 0.66 11.86
CA LEU D 91 -41.92 -0.25 12.66
C LEU D 91 -42.57 0.40 13.90
N PHE D 92 -42.20 1.63 14.19
CA PHE D 92 -42.91 2.43 15.17
C PHE D 92 -43.55 3.57 14.44
N GLY D 93 -43.94 3.32 13.20
CA GLY D 93 -44.72 4.28 12.44
C GLY D 93 -46.11 4.39 13.04
N ASN D 94 -46.40 5.52 13.69
CA ASN D 94 -47.73 5.79 14.21
C ASN D 94 -48.61 6.26 13.06
N THR D 95 -49.64 5.47 12.78
CA THR D 95 -50.52 5.70 11.65
C THR D 95 -51.91 6.08 12.11
N LYS D 96 -52.09 6.12 13.43
CA LYS D 96 -53.35 6.55 14.08
C LYS D 96 -53.90 7.83 13.47
N LYS D 97 -53.16 8.93 13.65
CA LYS D 97 -53.70 10.24 13.27
C LYS D 97 -53.17 10.69 11.91
N GLY D 98 -54.08 10.87 10.97
CA GLY D 98 -53.74 11.26 9.60
C GLY D 98 -53.00 10.20 8.81
N ASN D 99 -52.66 10.53 7.58
CA ASN D 99 -51.96 9.60 6.71
C ASN D 99 -50.49 9.94 6.50
N LYS D 100 -49.95 10.79 7.39
CA LYS D 100 -48.52 11.06 7.44
C LYS D 100 -47.97 10.37 8.69
N PRO D 101 -47.04 9.42 8.51
CA PRO D 101 -46.63 8.56 9.62
C PRO D 101 -45.69 9.25 10.59
N ASP D 102 -45.85 8.93 11.88
CA ASP D 102 -45.11 9.54 12.97
C ASP D 102 -44.13 8.52 13.57
N PHE D 103 -42.86 8.91 13.68
CA PHE D 103 -41.83 7.99 14.17
C PHE D 103 -41.17 8.51 15.46
N HIS D 104 -42.00 8.86 16.45
CA HIS D 104 -41.49 9.48 17.67
C HIS D 104 -41.08 8.51 18.76
N LEU D 105 -41.84 7.44 18.94
CA LEU D 105 -41.52 6.44 19.96
C LEU D 105 -40.27 5.61 19.61
N ALA D 106 -39.71 5.89 18.43
CA ALA D 106 -38.53 5.17 17.93
C ALA D 106 -37.22 5.82 18.39
N LYS D 107 -36.33 5.00 18.95
CA LYS D 107 -35.05 5.42 19.49
C LYS D 107 -34.15 6.06 18.43
N GLU D 108 -33.82 7.35 18.66
CA GLU D 108 -32.99 8.19 17.77
C GLU D 108 -31.65 7.51 17.35
N PRO D 109 -31.26 7.65 16.06
CA PRO D 109 -30.12 6.95 15.44
C PRO D 109 -28.90 6.63 16.34
N ASN D 110 -28.39 7.63 17.07
CA ASN D 110 -27.15 7.53 17.86
C ASN D 110 -27.12 6.39 18.90
N GLU D 111 -28.04 6.43 19.87
CA GLU D 111 -28.14 5.39 20.89
C GLU D 111 -28.61 4.07 20.26
N ALA D 112 -29.43 4.21 19.21
CA ALA D 112 -29.99 3.08 18.47
C ALA D 112 -28.92 2.27 17.73
N LEU D 113 -27.98 2.98 17.10
CA LEU D 113 -26.84 2.34 16.44
C LEU D 113 -26.06 1.48 17.42
N ILE D 114 -25.77 2.02 18.60
CA ILE D 114 -25.00 1.28 19.60
C ILE D 114 -25.80 0.13 20.26
N PHE D 115 -27.13 0.23 20.24
CA PHE D 115 -27.99 -0.83 20.75
C PHE D 115 -28.07 -2.02 19.78
N TYR D 116 -28.35 -1.67 18.53
CA TYR D 116 -28.41 -2.61 17.41
C TYR D 116 -27.19 -3.52 17.34
N ASN D 117 -26.01 -2.92 17.50
CA ASN D 117 -24.76 -3.64 17.41
C ASN D 117 -24.53 -4.58 18.57
N LYS D 118 -25.03 -4.19 19.75
CA LYS D 118 -24.96 -5.03 20.94
C LYS D 118 -25.80 -6.28 20.67
N ILE D 119 -26.99 -6.06 20.13
CA ILE D 119 -27.87 -7.13 19.63
C ILE D 119 -27.11 -8.02 18.63
N ILE D 120 -26.56 -7.39 17.58
CA ILE D 120 -25.76 -8.11 16.57
C ILE D 120 -24.68 -8.97 17.23
N ASP D 121 -23.94 -8.38 18.18
CA ASP D 121 -22.91 -9.10 18.94
C ASP D 121 -23.53 -10.28 19.67
N GLU D 122 -24.67 -10.03 20.30
CA GLU D 122 -25.33 -11.04 21.10
C GLU D 122 -25.81 -12.20 20.23
N PHE D 123 -26.33 -11.87 19.04
CA PHE D 123 -26.71 -12.85 18.02
C PHE D 123 -25.52 -13.71 17.64
N LYS D 124 -24.44 -13.06 17.20
CA LYS D 124 -23.23 -13.77 16.82
C LYS D 124 -22.73 -14.61 18.00
N LYS D 125 -22.98 -14.13 19.21
CA LYS D 125 -22.58 -14.86 20.40
C LYS D 125 -23.47 -16.06 20.66
N GLN D 126 -24.79 -15.85 20.68
CA GLN D 126 -25.73 -16.94 20.94
C GLN D 126 -25.79 -17.99 19.80
N TYR D 127 -25.42 -17.58 18.59
CA TYR D 127 -25.46 -18.50 17.45
C TYR D 127 -24.08 -18.73 16.83
N ASN D 128 -23.63 -17.79 16.02
CA ASN D 128 -22.44 -18.02 15.24
C ASN D 128 -22.07 -16.79 14.45
N ASP D 129 -20.80 -16.43 14.46
CA ASP D 129 -20.30 -15.31 13.68
C ASP D 129 -20.83 -15.35 12.23
N ASP D 130 -20.71 -16.53 11.61
CA ASP D 130 -21.04 -16.75 10.19
C ASP D 130 -22.52 -16.60 9.73
N LYS D 131 -23.46 -16.91 10.61
CA LYS D 131 -24.87 -16.99 10.22
C LYS D 131 -25.61 -15.67 10.39
N ILE D 132 -24.90 -14.66 10.89
CA ILE D 132 -25.53 -13.38 11.16
C ILE D 132 -25.06 -12.37 10.13
N LYS D 133 -25.96 -12.01 9.21
CA LYS D 133 -25.71 -10.92 8.30
C LYS D 133 -26.54 -9.74 8.74
N ILE D 134 -26.16 -8.56 8.29
CA ILE D 134 -26.77 -7.31 8.72
C ILE D 134 -27.00 -6.38 7.54
N GLY D 135 -27.67 -5.27 7.80
CA GLY D 135 -27.83 -4.21 6.80
C GLY D 135 -26.75 -3.16 6.97
N LYS D 136 -26.98 -1.97 6.41
CA LYS D 136 -26.17 -0.82 6.78
C LYS D 136 -27.11 0.10 7.55
N PHE D 137 -26.86 0.21 8.86
CA PHE D 137 -27.74 0.93 9.78
C PHE D 137 -28.10 2.30 9.24
N GLY D 138 -29.37 2.65 9.31
CA GLY D 138 -29.82 3.95 8.82
C GLY D 138 -29.50 4.25 7.37
N ASN D 139 -29.24 3.23 6.57
CA ASN D 139 -29.05 3.46 5.14
C ASN D 139 -30.22 3.05 4.27
N TYR D 140 -30.46 3.83 3.21
CA TYR D 140 -31.38 3.39 2.19
C TYR D 140 -30.86 2.06 1.64
N MET D 141 -31.71 1.05 1.74
CA MET D 141 -31.38 -0.30 1.34
C MET D 141 -32.43 -0.79 0.36
N ASN D 142 -32.06 -1.86 -0.33
CA ASN D 142 -32.88 -2.48 -1.35
C ASN D 142 -32.67 -3.98 -1.16
N ILE D 143 -33.65 -4.65 -0.53
CA ILE D 143 -33.53 -6.06 -0.20
C ILE D 143 -34.45 -6.92 -1.05
N ASP D 144 -33.86 -7.74 -1.92
CA ASP D 144 -34.57 -8.80 -2.64
C ASP D 144 -34.81 -9.97 -1.70
N VAL D 145 -36.07 -10.34 -1.49
CA VAL D 145 -36.37 -11.41 -0.53
C VAL D 145 -37.22 -12.50 -1.16
N THR D 146 -36.85 -13.75 -0.89
CA THR D 146 -37.71 -14.88 -1.25
C THR D 146 -38.50 -15.39 -0.03
N ASN D 147 -39.75 -14.98 0.06
CA ASN D 147 -40.60 -15.37 1.15
C ASN D 147 -41.03 -16.82 0.98
N ASP D 148 -40.66 -17.65 1.95
CA ASP D 148 -40.92 -19.06 1.85
C ASP D 148 -42.18 -19.35 2.63
N GLY D 149 -43.34 -19.13 2.03
CA GLY D 149 -44.60 -19.60 2.61
C GLY D 149 -45.80 -18.82 2.15
N PRO D 150 -45.87 -17.53 2.51
CA PRO D 150 -44.92 -16.86 3.37
C PRO D 150 -45.18 -17.15 4.83
N VAL D 151 -44.15 -16.98 5.66
CA VAL D 151 -44.35 -16.99 7.10
C VAL D 151 -43.84 -15.68 7.70
N THR D 152 -44.79 -14.85 8.14
CA THR D 152 -44.47 -13.62 8.84
C THR D 152 -44.93 -13.71 10.28
N ILE D 153 -43.97 -13.82 11.20
CA ILE D 153 -44.24 -13.75 12.63
C ILE D 153 -44.10 -12.30 13.12
N TYR D 154 -44.81 -11.97 14.20
CA TYR D 154 -44.70 -10.65 14.81
C TYR D 154 -44.59 -10.71 16.32
N ILE D 155 -43.59 -10.02 16.87
CA ILE D 155 -43.43 -9.92 18.33
C ILE D 155 -43.19 -8.48 18.75
N ASP D 156 -43.96 -8.00 19.71
CA ASP D 156 -43.69 -6.73 20.37
C ASP D 156 -43.40 -7.01 21.83
N THR D 157 -42.22 -6.62 22.30
CA THR D 157 -41.81 -6.88 23.69
C THR D 157 -42.54 -6.04 24.73
N HIS D 158 -43.16 -4.95 24.28
CA HIS D 158 -43.94 -4.07 25.17
C HIS D 158 -45.32 -4.65 25.55
N ASP D 159 -45.53 -5.95 25.32
CA ASP D 159 -46.82 -6.57 25.61
C ASP D 159 -46.73 -7.58 26.76
N MET E 1 43.25 23.33 -14.30
CA MET E 1 42.57 22.36 -13.39
C MET E 1 42.43 20.98 -14.04
N ARG E 2 42.86 19.98 -13.30
CA ARG E 2 42.78 18.62 -13.79
C ARG E 2 41.95 17.79 -12.82
N VAL E 3 41.26 16.78 -13.35
CA VAL E 3 40.51 15.91 -12.48
C VAL E 3 40.52 14.50 -13.03
N VAL E 4 40.69 13.54 -12.12
CA VAL E 4 40.52 12.13 -12.41
C VAL E 4 39.27 11.69 -11.70
N ILE E 5 38.25 11.35 -12.48
CA ILE E 5 36.97 10.92 -11.92
C ILE E 5 36.87 9.41 -11.99
N GLN E 6 36.66 8.76 -10.86
CA GLN E 6 36.40 7.32 -10.88
C GLN E 6 35.03 6.94 -10.31
N ARG E 7 34.39 6.00 -11.01
CA ARG E 7 33.06 5.54 -10.68
C ARG E 7 33.11 4.47 -9.60
N VAL E 8 32.44 4.73 -8.48
CA VAL E 8 32.60 3.90 -7.30
C VAL E 8 31.29 3.35 -6.76
N LYS E 9 31.36 2.10 -6.28
CA LYS E 9 30.28 1.51 -5.48
C LYS E 9 30.34 2.04 -4.06
N GLY E 10 31.52 2.58 -3.70
CA GLY E 10 31.72 3.18 -2.40
C GLY E 10 33.16 3.52 -2.09
N ALA E 11 33.34 4.39 -1.11
CA ALA E 11 34.67 4.78 -0.70
C ALA E 11 34.74 5.14 0.76
N ILE E 12 35.81 4.67 1.40
CA ILE E 12 36.13 4.97 2.79
C ILE E 12 37.45 5.73 2.88
N LEU E 13 37.37 6.98 3.35
CA LEU E 13 38.52 7.88 3.44
C LEU E 13 39.06 8.02 4.88
N SER E 14 40.37 7.86 5.05
CA SER E 14 41.03 7.85 6.38
C SER E 14 42.32 8.69 6.47
N VAL E 15 42.58 9.30 7.64
CA VAL E 15 43.93 9.83 8.00
C VAL E 15 44.71 8.81 8.85
N ARG E 16 45.97 9.11 9.21
CA ARG E 16 46.79 8.16 10.00
C ARG E 16 46.33 7.90 11.45
N LEU E 27 45.29 4.46 11.52
CA LEU E 27 44.27 4.93 10.57
C LEU E 27 42.90 5.18 11.22
N GLU E 28 42.22 6.23 10.78
CA GLU E 28 40.88 6.53 11.29
C GLU E 28 39.95 7.29 10.30
N ILE E 29 38.91 6.58 9.86
CA ILE E 29 37.80 7.09 9.01
C ILE E 29 37.38 8.54 9.30
N ILE E 30 37.24 9.35 8.25
CA ILE E 30 36.69 10.70 8.42
C ILE E 30 35.58 11.03 7.39
N SER E 31 35.55 10.32 6.27
CA SER E 31 34.52 10.49 5.25
C SER E 31 34.13 9.18 4.65
N GLU E 32 32.88 9.07 4.22
CA GLU E 32 32.44 7.86 3.56
C GLU E 32 31.34 8.14 2.55
N ILE E 33 31.46 7.49 1.38
CA ILE E 33 30.41 7.49 0.37
C ILE E 33 30.09 6.08 -0.08
N LYS E 34 28.88 5.91 -0.59
CA LYS E 34 28.49 4.69 -1.28
C LYS E 34 28.50 4.94 -2.81
N ASN E 35 27.43 4.62 -3.51
CA ASN E 35 27.41 4.78 -4.96
C ASN E 35 27.71 6.23 -5.41
N GLY E 36 28.47 6.34 -6.49
CA GLY E 36 28.85 7.63 -7.05
C GLY E 36 30.27 7.70 -7.55
N LEU E 37 30.90 8.86 -7.35
CA LEU E 37 32.25 9.13 -7.88
C LEU E 37 33.24 9.50 -6.80
N ILE E 38 34.47 9.02 -6.96
CA ILE E 38 35.63 9.67 -6.34
C ILE E 38 36.23 10.59 -7.38
N CYS E 39 36.57 11.82 -6.99
CA CYS E 39 37.16 12.78 -7.90
C CYS E 39 38.49 13.28 -7.36
N PHE E 40 39.56 12.97 -8.09
CA PHE E 40 40.89 13.46 -7.77
C PHE E 40 41.14 14.79 -8.49
N LEU E 41 41.36 15.84 -7.71
CA LEU E 41 41.31 17.23 -8.21
C LEU E 41 42.65 17.95 -8.01
N GLY E 42 43.22 18.45 -9.10
CA GLY E 42 44.48 19.19 -9.08
C GLY E 42 44.28 20.63 -9.49
N ILE E 43 44.59 21.55 -8.57
CA ILE E 43 44.48 22.97 -8.85
C ILE E 43 45.82 23.55 -9.38
N HIS E 44 45.69 24.39 -10.43
CA HIS E 44 46.82 25.03 -11.11
C HIS E 44 47.06 26.41 -10.54
N LYS E 45 48.30 26.88 -10.60
CA LYS E 45 48.62 28.24 -10.16
C LYS E 45 47.69 29.26 -10.82
N ASN E 46 47.60 29.22 -12.15
CA ASN E 46 46.75 30.14 -12.94
C ASN E 46 45.31 29.68 -13.21
N ASP E 47 44.66 29.04 -12.23
CA ASP E 47 43.27 28.63 -12.39
C ASP E 47 42.30 29.69 -11.90
N THR E 48 41.32 30.04 -12.74
CA THR E 48 40.33 31.06 -12.39
C THR E 48 39.16 30.40 -11.67
N TRP E 49 38.04 31.11 -11.57
CA TRP E 49 36.78 30.48 -11.18
C TRP E 49 36.20 29.75 -12.39
N GLU E 50 36.51 30.26 -13.59
CA GLU E 50 36.16 29.65 -14.89
C GLU E 50 36.53 28.18 -15.00
N ASP E 51 37.73 27.85 -14.54
CA ASP E 51 38.23 26.48 -14.55
C ASP E 51 37.44 25.66 -13.55
N ALA E 52 37.41 26.11 -12.30
CA ALA E 52 36.69 25.42 -11.23
C ALA E 52 35.29 25.06 -11.68
N LEU E 53 34.53 26.06 -12.14
CA LEU E 53 33.22 25.86 -12.71
C LEU E 53 33.14 24.70 -13.69
N TYR E 54 34.00 24.68 -14.69
CA TYR E 54 33.98 23.61 -15.70
C TYR E 54 34.06 22.24 -15.02
N ILE E 55 35.13 22.03 -14.24
CA ILE E 55 35.35 20.81 -13.44
C ILE E 55 34.10 20.41 -12.70
N ILE E 56 33.49 21.38 -12.02
CA ILE E 56 32.27 21.17 -11.25
C ILE E 56 31.12 20.74 -12.16
N ARG E 57 30.66 21.64 -13.04
CA ARG E 57 29.59 21.33 -14.00
C ARG E 57 29.74 19.91 -14.58
N LYS E 58 30.98 19.54 -14.92
CA LYS E 58 31.25 18.25 -15.51
C LYS E 58 31.11 17.09 -14.51
N CYS E 59 31.80 17.19 -13.38
CA CYS E 59 31.72 16.18 -12.31
C CYS E 59 30.29 15.82 -11.97
N LEU E 60 29.41 16.82 -12.06
CA LEU E 60 28.03 16.69 -11.66
C LEU E 60 27.13 16.30 -12.81
N ASN E 61 27.58 16.45 -14.04
CA ASN E 61 26.67 16.24 -15.18
C ASN E 61 27.07 15.20 -16.19
N LEU E 62 28.33 14.77 -16.14
CA LEU E 62 28.85 13.66 -16.95
C LEU E 62 28.00 12.42 -16.72
N ARG E 63 27.52 11.85 -17.82
CA ARG E 63 26.56 10.75 -17.75
C ARG E 63 27.29 9.44 -17.88
N LEU E 64 27.72 8.94 -16.74
CA LEU E 64 28.62 7.80 -16.65
C LEU E 64 27.97 6.52 -16.15
N TRP E 65 26.65 6.45 -16.19
CA TRP E 65 25.95 5.22 -15.79
C TRP E 65 24.97 4.71 -16.82
N ASN E 66 24.99 3.40 -17.03
CA ASN E 66 23.98 2.75 -17.87
C ASN E 66 22.61 3.02 -17.33
N ASN E 67 21.62 2.84 -18.19
CA ASN E 67 20.24 3.02 -17.81
C ASN E 67 19.37 2.02 -18.55
N ASP E 68 19.67 0.74 -18.33
CA ASP E 68 18.87 -0.39 -18.81
C ASP E 68 18.37 -0.11 -20.23
N ASN E 69 19.17 -0.52 -21.22
CA ASN E 69 18.94 -0.18 -22.62
C ASN E 69 20.02 0.80 -23.13
N LYS E 70 20.20 1.91 -22.41
CA LYS E 70 21.09 2.98 -22.81
C LYS E 70 22.40 3.00 -22.01
N THR E 71 23.51 3.01 -22.74
CA THR E 71 24.82 3.25 -22.19
C THR E 71 24.95 4.74 -21.89
N TRP E 72 25.90 5.09 -21.02
CA TRP E 72 26.37 6.47 -20.86
C TRP E 72 25.23 7.49 -20.79
N ASP E 73 24.35 7.28 -19.83
CA ASP E 73 23.02 7.87 -19.90
C ASP E 73 22.59 8.71 -18.71
N LYS E 74 22.94 8.30 -17.50
CA LYS E 74 22.51 9.02 -16.32
C LYS E 74 23.71 9.56 -15.60
N ASN E 75 23.54 10.70 -14.94
CA ASN E 75 24.59 11.29 -14.12
C ASN E 75 24.33 11.16 -12.60
N VAL E 76 25.35 11.46 -11.82
CA VAL E 76 25.31 11.52 -10.35
C VAL E 76 24.09 12.22 -9.78
N LYS E 77 23.68 13.34 -10.39
CA LYS E 77 22.50 14.09 -9.96
C LYS E 77 21.24 13.27 -10.19
N ASP E 78 21.12 12.73 -11.40
CA ASP E 78 20.03 11.86 -11.79
C ASP E 78 19.77 10.76 -10.76
N LEU E 79 20.84 10.11 -10.31
CA LEU E 79 20.69 8.94 -9.48
C LEU E 79 20.81 9.27 -8.00
N ASN E 80 20.87 10.56 -7.67
CA ASN E 80 21.11 11.00 -6.29
C ASN E 80 22.30 10.32 -5.63
N TYR E 81 23.37 10.13 -6.39
CA TYR E 81 24.64 9.57 -5.90
C TYR E 81 25.51 10.61 -5.18
N GLU E 82 26.70 10.15 -4.75
CA GLU E 82 27.63 10.95 -3.94
C GLU E 82 28.94 11.22 -4.66
N LEU E 83 29.57 12.35 -4.32
CA LEU E 83 30.90 12.68 -4.86
C LEU E 83 31.91 12.86 -3.72
N LEU E 84 32.99 12.08 -3.76
CA LEU E 84 34.09 12.24 -2.82
C LEU E 84 35.24 13.00 -3.45
N ILE E 85 35.42 14.24 -3.03
CA ILE E 85 36.42 15.11 -3.64
C ILE E 85 37.69 15.12 -2.83
N VAL E 86 38.77 14.73 -3.50
CA VAL E 86 40.07 14.61 -2.88
C VAL E 86 41.07 15.40 -3.72
N SER E 87 41.74 16.34 -3.06
CA SER E 87 42.78 17.16 -3.67
C SER E 87 44.01 16.33 -3.99
N GLN E 88 44.53 16.52 -5.21
CA GLN E 88 45.71 15.78 -5.71
C GLN E 88 46.67 16.70 -6.50
N PHE E 89 47.49 17.47 -5.78
CA PHE E 89 48.46 18.35 -6.43
C PHE E 89 49.34 17.58 -7.44
N THR E 90 49.51 16.28 -7.19
CA THR E 90 50.36 15.38 -7.99
C THR E 90 50.00 15.25 -9.48
N LEU E 91 48.75 15.56 -9.83
CA LEU E 91 48.29 15.58 -11.22
C LEU E 91 48.91 16.73 -12.04
N PHE E 92 49.76 17.53 -11.40
CA PHE E 92 50.50 18.55 -12.08
C PHE E 92 51.97 18.19 -12.04
N GLY E 93 52.26 17.07 -11.39
CA GLY E 93 53.59 16.51 -11.39
C GLY E 93 53.95 16.22 -12.83
N ASN E 94 54.81 17.07 -13.39
CA ASN E 94 55.34 16.85 -14.72
C ASN E 94 56.40 15.75 -14.70
N THR E 95 56.29 14.81 -15.63
CA THR E 95 57.18 13.66 -15.70
C THR E 95 57.95 13.65 -17.01
N LYS E 96 57.72 14.67 -17.85
CA LYS E 96 58.50 14.90 -19.07
C LYS E 96 59.95 15.28 -18.72
N LYS E 97 60.12 15.81 -17.50
CA LYS E 97 61.43 16.09 -16.89
C LYS E 97 62.22 14.78 -16.74
N GLY E 98 61.90 14.01 -15.69
CA GLY E 98 62.50 12.72 -15.44
C GLY E 98 61.62 11.87 -14.55
N ASN E 99 62.21 10.84 -13.95
CA ASN E 99 61.49 9.95 -13.02
C ASN E 99 61.16 10.55 -11.66
N LYS E 100 61.73 11.73 -11.39
CA LYS E 100 61.24 12.59 -10.34
C LYS E 100 60.27 13.58 -10.99
N PRO E 101 59.06 13.72 -10.42
CA PRO E 101 58.15 14.77 -10.89
C PRO E 101 58.36 16.08 -10.15
N ASP E 102 58.18 17.20 -10.86
CA ASP E 102 58.14 18.51 -10.21
C ASP E 102 56.72 19.01 -10.28
N PHE E 103 56.33 19.84 -9.33
CA PHE E 103 54.93 20.20 -9.17
C PHE E 103 54.78 21.71 -9.20
N HIS E 104 55.78 22.37 -9.76
CA HIS E 104 55.81 23.83 -9.83
C HIS E 104 54.55 24.38 -10.49
N LEU E 105 54.00 23.59 -11.40
CA LEU E 105 52.81 24.00 -12.15
C LEU E 105 51.52 24.03 -11.29
N ALA E 106 51.58 23.43 -10.10
CA ALA E 106 50.44 23.38 -9.19
C ALA E 106 50.44 24.52 -8.17
N LYS E 107 49.28 25.15 -7.98
CA LYS E 107 49.10 26.16 -6.93
C LYS E 107 49.51 25.59 -5.56
N GLU E 108 50.30 26.37 -4.83
CA GLU E 108 50.94 25.87 -3.60
C GLU E 108 49.91 25.72 -2.48
N PRO E 109 50.15 24.75 -1.56
CA PRO E 109 49.22 24.34 -0.49
C PRO E 109 48.56 25.44 0.36
N ASN E 110 49.03 26.69 0.28
CA ASN E 110 48.42 27.78 1.05
C ASN E 110 47.13 28.34 0.41
N GLU E 111 47.21 28.70 -0.86
CA GLU E 111 46.04 29.21 -1.58
C GLU E 111 45.17 28.08 -2.11
N ALA E 112 45.81 26.95 -2.43
CA ALA E 112 45.11 25.77 -2.93
C ALA E 112 43.98 25.34 -2.00
N LEU E 113 44.28 25.31 -0.70
CA LEU E 113 43.28 25.00 0.33
C LEU E 113 42.09 25.96 0.29
N ILE E 114 42.36 27.26 0.19
CA ILE E 114 41.26 28.22 0.08
C ILE E 114 40.49 28.00 -1.22
N PHE E 115 41.22 27.75 -2.30
CA PHE E 115 40.61 27.54 -3.60
C PHE E 115 39.79 26.24 -3.66
N TYR E 116 40.13 25.32 -2.77
CA TYR E 116 39.48 24.02 -2.66
C TYR E 116 38.15 24.15 -1.92
N ASN E 117 38.13 25.00 -0.90
CA ASN E 117 36.93 25.19 -0.07
C ASN E 117 35.82 25.96 -0.77
N LYS E 118 36.19 26.79 -1.76
CA LYS E 118 35.19 27.52 -2.53
C LYS E 118 34.63 26.62 -3.62
N ILE E 119 35.45 25.65 -4.03
CA ILE E 119 35.05 24.58 -4.94
C ILE E 119 34.07 23.63 -4.23
N ILE E 120 34.41 23.22 -3.02
CA ILE E 120 33.49 22.43 -2.22
C ILE E 120 32.21 23.23 -1.90
N ASP E 121 32.31 24.55 -1.92
CA ASP E 121 31.15 25.43 -1.74
C ASP E 121 30.19 25.39 -2.93
N GLU E 122 30.75 25.38 -4.14
CA GLU E 122 29.93 25.44 -5.33
C GLU E 122 29.37 24.05 -5.67
N PHE E 123 30.06 23.00 -5.28
CA PHE E 123 29.52 21.64 -5.39
C PHE E 123 28.26 21.52 -4.53
N LYS E 124 28.32 22.08 -3.34
CA LYS E 124 27.22 22.01 -2.38
C LYS E 124 26.06 22.86 -2.85
N LYS E 125 26.40 24.03 -3.38
CA LYS E 125 25.44 24.98 -3.92
C LYS E 125 24.72 24.39 -5.16
N GLN E 126 25.47 23.85 -6.10
CA GLN E 126 24.89 23.37 -7.36
C GLN E 126 24.11 22.07 -7.18
N TYR E 127 24.77 21.05 -6.70
CA TYR E 127 24.10 19.81 -6.39
C TYR E 127 23.35 20.04 -5.08
N ASN E 128 23.94 19.60 -3.98
CA ASN E 128 23.22 19.33 -2.77
C ASN E 128 24.27 19.05 -1.73
N ASP E 129 24.28 19.85 -0.68
CA ASP E 129 25.41 19.76 0.25
C ASP E 129 25.41 18.53 1.15
N ASP E 130 24.34 17.74 1.07
CA ASP E 130 24.32 16.47 1.76
C ASP E 130 25.17 15.41 1.04
N LYS E 131 25.28 15.52 -0.28
CA LYS E 131 25.90 14.48 -1.10
C LYS E 131 27.40 14.66 -1.40
N ILE E 132 28.02 15.70 -0.83
CA ILE E 132 29.41 16.04 -1.09
C ILE E 132 30.30 15.85 0.14
N LYS E 133 31.13 14.81 0.10
CA LYS E 133 32.11 14.55 1.15
C LYS E 133 33.51 14.95 0.68
N ILE E 134 34.45 15.05 1.61
CA ILE E 134 35.79 15.57 1.32
C ILE E 134 36.90 14.81 2.06
N GLY E 135 38.14 15.15 1.75
CA GLY E 135 39.28 14.64 2.50
C GLY E 135 39.74 15.69 3.48
N LYS E 136 40.90 15.46 4.08
CA LYS E 136 41.57 16.49 4.87
C LYS E 136 42.66 17.09 3.96
N PHE E 137 42.50 18.35 3.57
CA PHE E 137 43.40 18.91 2.58
C PHE E 137 44.89 18.80 2.96
N GLY E 138 45.21 19.04 4.23
CA GLY E 138 46.60 18.96 4.67
C GLY E 138 47.17 17.54 4.65
N ASN E 139 46.49 16.65 5.38
CA ASN E 139 47.08 15.39 5.80
C ASN E 139 47.29 14.34 4.70
N TYR E 140 48.14 13.39 5.03
CA TYR E 140 48.26 12.13 4.32
C TYR E 140 46.97 11.34 4.51
N MET E 141 46.36 10.96 3.39
CA MET E 141 45.13 10.17 3.41
C MET E 141 45.35 8.73 2.97
N ASN E 142 44.51 7.85 3.48
CA ASN E 142 44.43 6.46 3.03
C ASN E 142 43.00 6.21 2.58
N ILE E 143 42.83 5.88 1.30
CA ILE E 143 41.49 5.76 0.68
C ILE E 143 41.19 4.41 0.05
N ASP E 144 40.28 3.69 0.70
CA ASP E 144 39.68 2.45 0.16
C ASP E 144 38.55 2.74 -0.83
N VAL E 145 38.75 2.33 -2.06
CA VAL E 145 37.80 2.60 -3.12
C VAL E 145 37.34 1.30 -3.79
N THR E 146 36.03 1.08 -3.81
CA THR E 146 35.48 0.03 -4.62
C THR E 146 35.20 0.69 -5.96
N ASN E 147 35.95 0.30 -6.97
CA ASN E 147 35.76 0.83 -8.32
C ASN E 147 34.70 0.06 -9.05
N ASP E 148 33.77 0.80 -9.64
CA ASP E 148 32.63 0.25 -10.33
C ASP E 148 32.84 0.44 -11.84
N GLY E 149 33.40 -0.60 -12.47
CA GLY E 149 33.60 -0.65 -13.92
C GLY E 149 34.90 -1.35 -14.29
N PRO E 150 36.05 -0.71 -14.00
CA PRO E 150 36.13 0.65 -13.49
C PRO E 150 35.90 1.65 -14.62
N VAL E 151 35.54 2.87 -14.24
CA VAL E 151 35.44 3.95 -15.19
C VAL E 151 36.29 5.10 -14.70
N THR E 152 37.29 5.44 -15.50
CA THR E 152 38.12 6.59 -15.21
C THR E 152 38.00 7.65 -16.31
N ILE E 153 37.84 8.89 -15.88
CA ILE E 153 37.69 9.98 -16.79
C ILE E 153 38.72 11.06 -16.43
N TYR E 154 39.34 11.63 -17.45
CA TYR E 154 40.28 12.71 -17.27
C TYR E 154 39.80 13.98 -17.96
N ILE E 155 39.84 15.08 -17.22
CA ILE E 155 39.51 16.39 -17.78
C ILE E 155 40.61 17.36 -17.37
N ASP E 156 41.25 17.93 -18.37
CA ASP E 156 42.17 19.03 -18.17
C ASP E 156 41.49 20.26 -18.79
N THR E 157 41.21 21.28 -17.97
CA THR E 157 40.51 22.47 -18.42
C THR E 157 41.21 23.22 -19.55
N HIS E 158 42.53 23.36 -19.44
CA HIS E 158 43.34 24.14 -20.39
C HIS E 158 43.26 23.69 -21.85
N ASP E 159 42.57 22.58 -22.09
CA ASP E 159 42.36 22.03 -23.43
C ASP E 159 41.02 22.52 -23.99
N ILE E 160 40.95 23.15 -25.17
CA ILE E 160 42.03 23.51 -26.14
C ILE E 160 41.49 23.36 -27.57
N MET F 1 48.59 7.60 -26.12
CA MET F 1 48.37 6.64 -25.00
C MET F 1 48.27 7.45 -23.74
N ARG F 2 47.29 7.11 -22.93
CA ARG F 2 47.08 7.74 -21.63
C ARG F 2 47.08 6.69 -20.51
N VAL F 3 47.48 7.12 -19.31
CA VAL F 3 47.62 6.23 -18.14
C VAL F 3 47.37 7.00 -16.83
N VAL F 4 46.57 6.42 -15.95
CA VAL F 4 46.50 6.93 -14.60
C VAL F 4 47.18 5.94 -13.67
N ILE F 5 48.23 6.43 -13.03
CA ILE F 5 48.94 5.67 -12.06
C ILE F 5 48.45 6.14 -10.71
N GLN F 6 47.92 5.21 -9.92
CA GLN F 6 47.60 5.46 -8.53
C GLN F 6 48.47 4.58 -7.63
N ARG F 7 48.96 5.19 -6.55
CA ARG F 7 49.76 4.50 -5.55
C ARG F 7 48.87 3.89 -4.47
N VAL F 8 49.19 2.65 -4.10
CA VAL F 8 48.30 1.80 -3.30
C VAL F 8 49.01 1.05 -2.18
N LYS F 9 48.25 0.66 -1.15
CA LYS F 9 48.73 -0.31 -0.17
C LYS F 9 48.21 -1.70 -0.53
N GLY F 10 47.74 -1.84 -1.76
CA GLY F 10 47.13 -3.07 -2.22
C GLY F 10 45.87 -2.85 -3.05
N ALA F 11 45.48 -3.90 -3.77
CA ALA F 11 44.23 -3.91 -4.52
C ALA F 11 43.75 -5.33 -4.82
N ILE F 12 42.57 -5.67 -4.30
CA ILE F 12 41.88 -6.91 -4.68
C ILE F 12 41.06 -6.65 -5.95
N LEU F 13 41.16 -7.55 -6.92
CA LEU F 13 40.42 -7.42 -8.19
C LEU F 13 39.45 -8.57 -8.41
N SER F 14 38.23 -8.23 -8.82
CA SER F 14 37.14 -9.21 -8.97
C SER F 14 36.40 -9.01 -10.29
N VAL F 15 35.88 -10.12 -10.84
CA VAL F 15 34.89 -10.06 -11.94
C VAL F 15 33.57 -10.71 -11.47
N ARG F 16 32.53 -10.65 -12.28
CA ARG F 16 31.21 -11.16 -11.88
C ARG F 16 31.12 -12.69 -11.94
N GLU F 26 28.44 -12.36 -5.33
CA GLU F 26 28.34 -12.61 -6.77
C GLU F 26 29.60 -12.08 -7.49
N LEU F 27 30.70 -12.04 -6.75
CA LEU F 27 32.01 -11.64 -7.30
C LEU F 27 33.03 -12.77 -7.21
N GLU F 28 34.08 -12.65 -8.03
CA GLU F 28 35.15 -13.64 -8.06
C GLU F 28 36.53 -12.99 -8.14
N ILE F 29 37.17 -12.85 -6.97
CA ILE F 29 38.57 -12.42 -6.86
C ILE F 29 39.41 -13.20 -7.89
N ILE F 30 40.18 -12.47 -8.71
CA ILE F 30 41.12 -13.11 -9.65
C ILE F 30 42.52 -12.49 -9.64
N SER F 31 42.65 -11.26 -9.15
CA SER F 31 43.94 -10.57 -9.11
C SER F 31 44.17 -9.91 -7.76
N GLU F 32 45.42 -9.91 -7.33
CA GLU F 32 45.80 -9.28 -6.06
C GLU F 32 47.23 -8.77 -6.13
N ILE F 33 47.42 -7.58 -5.56
CA ILE F 33 48.74 -7.01 -5.34
C ILE F 33 48.74 -6.33 -3.97
N LYS F 34 49.93 -6.14 -3.41
CA LYS F 34 50.10 -5.44 -2.14
C LYS F 34 50.55 -4.02 -2.48
N ASN F 35 51.52 -3.49 -1.75
CA ASN F 35 52.10 -2.19 -2.08
C ASN F 35 52.53 -2.16 -3.55
N GLY F 36 52.36 -1.00 -4.19
CA GLY F 36 52.77 -0.81 -5.57
C GLY F 36 51.90 0.16 -6.34
N LEU F 37 51.56 -0.21 -7.56
CA LEU F 37 50.85 0.70 -8.47
C LEU F 37 49.71 0.04 -9.24
N ILE F 38 48.55 0.70 -9.23
CA ILE F 38 47.52 0.36 -10.18
C ILE F 38 47.63 1.36 -11.32
N CYS F 39 47.54 0.86 -12.54
CA CYS F 39 47.74 1.70 -13.71
C CYS F 39 46.62 1.44 -14.68
N PHE F 40 45.88 2.50 -14.99
CA PHE F 40 44.76 2.42 -15.92
C PHE F 40 45.26 2.94 -17.26
N LEU F 41 45.10 2.13 -18.31
CA LEU F 41 45.73 2.45 -19.57
C LEU F 41 44.78 2.48 -20.74
N GLY F 42 44.62 3.67 -21.31
CA GLY F 42 43.82 3.86 -22.51
C GLY F 42 44.69 3.88 -23.76
N ILE F 43 44.34 3.02 -24.71
CA ILE F 43 45.11 2.90 -25.94
C ILE F 43 44.48 3.74 -27.03
N HIS F 44 45.25 4.70 -27.54
CA HIS F 44 44.87 5.54 -28.66
C HIS F 44 44.97 4.71 -29.92
N LYS F 45 44.16 5.05 -30.92
CA LYS F 45 44.18 4.38 -32.23
C LYS F 45 45.57 4.41 -32.89
N ASN F 46 46.27 5.53 -32.75
CA ASN F 46 47.53 5.78 -33.43
C ASN F 46 48.74 5.54 -32.55
N ASP F 47 48.52 4.78 -31.48
CA ASP F 47 49.61 4.45 -30.57
C ASP F 47 50.57 3.51 -31.26
N THR F 48 51.77 4.00 -31.48
CA THR F 48 52.87 3.18 -31.95
C THR F 48 53.48 2.49 -30.73
N TRP F 49 54.46 1.60 -30.95
CA TRP F 49 55.15 0.96 -29.83
C TRP F 49 55.92 1.97 -28.97
N GLU F 50 56.29 3.10 -29.57
CA GLU F 50 57.00 4.17 -28.85
C GLU F 50 56.10 4.81 -27.80
N ASP F 51 54.83 5.03 -28.16
CA ASP F 51 53.80 5.48 -27.22
C ASP F 51 53.60 4.48 -26.09
N ALA F 52 53.67 3.19 -26.41
CA ALA F 52 53.54 2.12 -25.40
C ALA F 52 54.78 2.03 -24.51
N LEU F 53 55.94 2.32 -25.09
CA LEU F 53 57.20 2.23 -24.35
C LEU F 53 57.35 3.30 -23.30
N TYR F 54 57.01 4.54 -23.69
CA TYR F 54 56.99 5.67 -22.77
C TYR F 54 56.11 5.34 -21.57
N ILE F 55 54.93 4.80 -21.85
CA ILE F 55 54.04 4.32 -20.80
C ILE F 55 54.79 3.27 -19.96
N ILE F 56 55.18 2.16 -20.58
CA ILE F 56 55.86 1.09 -19.86
C ILE F 56 57.00 1.67 -19.02
N ARG F 57 57.79 2.54 -19.63
CA ARG F 57 58.96 3.12 -18.96
C ARG F 57 58.56 3.85 -17.68
N LYS F 58 57.71 4.86 -17.84
CA LYS F 58 57.36 5.77 -16.77
C LYS F 58 56.66 5.09 -15.58
N CYS F 59 55.96 3.98 -15.86
CA CYS F 59 55.32 3.24 -14.78
C CYS F 59 56.37 2.58 -13.89
N LEU F 60 57.36 1.96 -14.53
CA LEU F 60 58.36 1.20 -13.81
C LEU F 60 59.36 2.08 -13.05
N ASN F 61 59.63 3.25 -13.59
CA ASN F 61 60.76 4.05 -13.13
C ASN F 61 60.41 5.29 -12.32
N LEU F 62 59.18 5.80 -12.45
CA LEU F 62 58.78 7.00 -11.71
C LEU F 62 58.92 6.77 -10.21
N ARG F 63 59.58 7.71 -9.55
CA ARG F 63 59.97 7.55 -8.15
C ARG F 63 58.88 8.07 -7.21
N LEU F 64 57.97 7.19 -6.84
CA LEU F 64 56.71 7.64 -6.22
C LEU F 64 56.58 7.36 -4.72
N TRP F 65 57.66 6.86 -4.11
CA TRP F 65 57.72 6.70 -2.66
C TRP F 65 58.88 7.50 -2.07
N ASN F 66 58.73 7.91 -0.81
CA ASN F 66 59.79 8.59 -0.09
C ASN F 66 60.82 7.58 0.39
N ASN F 67 62.09 8.00 0.47
CA ASN F 67 63.13 7.17 1.11
C ASN F 67 63.79 7.86 2.30
N ASP F 68 63.41 7.41 3.50
CA ASP F 68 63.92 7.97 4.75
C ASP F 68 63.75 9.49 4.78
N ASN F 69 64.86 10.19 4.63
CA ASN F 69 64.85 11.63 4.57
C ASN F 69 64.33 12.13 3.23
N LYS F 70 64.75 11.45 2.16
CA LYS F 70 64.50 11.87 0.77
C LYS F 70 63.09 11.55 0.28
N THR F 71 62.53 12.49 -0.49
CA THR F 71 61.20 12.33 -1.05
C THR F 71 61.29 12.09 -2.55
N TRP F 72 60.22 11.54 -3.12
CA TRP F 72 60.15 11.23 -4.56
C TRP F 72 61.50 10.70 -5.01
N ASP F 73 61.91 9.64 -4.33
CA ASP F 73 63.24 9.08 -4.42
C ASP F 73 63.19 7.67 -5.02
N LYS F 74 62.19 6.89 -4.62
CA LYS F 74 62.16 5.46 -4.94
C LYS F 74 61.07 5.09 -5.94
N ASN F 75 61.47 4.33 -6.97
CA ASN F 75 60.52 3.78 -7.93
C ASN F 75 60.01 2.38 -7.54
N VAL F 76 59.05 1.89 -8.31
CA VAL F 76 58.38 0.63 -8.01
C VAL F 76 59.33 -0.58 -7.95
N LYS F 77 60.34 -0.60 -8.83
CA LYS F 77 61.33 -1.69 -8.87
C LYS F 77 62.22 -1.72 -7.63
N ASP F 78 62.77 -0.54 -7.28
CA ASP F 78 63.57 -0.39 -6.07
C ASP F 78 63.02 -1.17 -4.87
N LEU F 79 61.79 -0.84 -4.47
CA LEU F 79 61.23 -1.39 -3.23
C LEU F 79 60.61 -2.76 -3.45
N ASN F 80 60.89 -3.34 -4.61
CA ASN F 80 60.29 -4.62 -5.04
C ASN F 80 58.80 -4.73 -4.79
N TYR F 81 58.05 -4.02 -5.62
CA TYR F 81 56.60 -3.99 -5.51
C TYR F 81 55.92 -4.54 -6.77
N GLU F 82 54.61 -4.34 -6.85
CA GLU F 82 53.80 -4.92 -7.93
C GLU F 82 53.04 -3.86 -8.71
N LEU F 83 52.61 -4.22 -9.92
CA LEU F 83 51.79 -3.37 -10.77
C LEU F 83 50.53 -4.08 -11.27
N LEU F 84 49.40 -3.43 -11.09
CA LEU F 84 48.13 -3.92 -11.60
C LEU F 84 47.76 -3.06 -12.80
N ILE F 85 47.62 -3.71 -13.95
CA ILE F 85 47.58 -3.02 -15.22
C ILE F 85 46.25 -3.29 -15.93
N VAL F 86 45.41 -2.26 -15.97
CA VAL F 86 44.03 -2.43 -16.42
C VAL F 86 43.81 -1.55 -17.64
N SER F 87 43.27 -2.13 -18.71
CA SER F 87 42.93 -1.34 -19.89
C SER F 87 41.73 -0.47 -19.56
N GLN F 88 41.76 0.76 -20.04
CA GLN F 88 40.76 1.73 -19.61
C GLN F 88 40.50 2.70 -20.75
N PHE F 89 39.70 2.22 -21.71
CA PHE F 89 39.37 2.98 -22.92
C PHE F 89 38.65 4.27 -22.59
N THR F 90 38.04 4.31 -21.40
CA THR F 90 37.31 5.48 -20.95
C THR F 90 38.23 6.69 -20.73
N LEU F 91 39.54 6.45 -20.71
CA LEU F 91 40.52 7.54 -20.63
C LEU F 91 40.50 8.37 -21.90
N PHE F 92 39.93 7.79 -22.96
CA PHE F 92 39.71 8.53 -24.19
C PHE F 92 38.27 9.02 -24.32
N GLY F 93 37.65 9.21 -23.16
CA GLY F 93 36.32 9.75 -23.10
C GLY F 93 36.36 11.25 -23.28
N ASN F 94 36.30 11.68 -24.53
CA ASN F 94 36.06 13.06 -24.89
C ASN F 94 34.83 13.60 -24.12
N THR F 95 35.03 14.65 -23.33
CA THR F 95 33.93 15.29 -22.60
C THR F 95 33.70 16.72 -23.08
N LYS F 96 34.52 17.19 -24.01
CA LYS F 96 34.41 18.53 -24.59
C LYS F 96 33.12 18.66 -25.41
N LYS F 97 32.66 17.52 -25.95
CA LYS F 97 31.51 17.50 -26.83
C LYS F 97 30.15 17.47 -26.12
N GLY F 98 30.14 17.23 -24.82
CA GLY F 98 28.89 17.15 -24.06
C GLY F 98 28.99 16.33 -22.79
N ASN F 99 27.86 15.83 -22.31
CA ASN F 99 27.85 15.10 -21.04
C ASN F 99 27.88 13.58 -21.20
N LYS F 100 27.37 13.11 -22.34
CA LYS F 100 27.52 11.73 -22.78
C LYS F 100 28.92 11.62 -23.41
N PRO F 101 29.81 10.85 -22.77
CA PRO F 101 31.17 10.83 -23.27
C PRO F 101 31.24 10.15 -24.63
N ASP F 102 32.40 10.22 -25.26
CA ASP F 102 32.62 9.56 -26.52
C ASP F 102 34.06 9.05 -26.57
N PHE F 103 34.25 7.86 -27.13
CA PHE F 103 35.56 7.20 -27.13
C PHE F 103 36.05 6.88 -28.53
N HIS F 104 35.84 7.83 -29.44
CA HIS F 104 36.20 7.64 -30.85
C HIS F 104 37.70 7.60 -31.13
N LEU F 105 38.49 8.18 -30.22
CA LEU F 105 39.95 8.18 -30.37
C LEU F 105 40.63 6.95 -29.76
N ALA F 106 39.85 6.01 -29.24
CA ALA F 106 40.38 4.85 -28.53
C ALA F 106 40.49 3.61 -29.41
N LYS F 107 41.66 3.00 -29.45
CA LYS F 107 41.97 1.89 -30.36
C LYS F 107 40.97 0.74 -30.22
N GLU F 108 40.39 0.37 -31.35
CA GLU F 108 39.42 -0.72 -31.49
C GLU F 108 39.70 -1.90 -30.53
N PRO F 109 38.70 -2.30 -29.70
CA PRO F 109 38.80 -3.31 -28.63
C PRO F 109 39.70 -4.53 -28.92
N ASN F 110 39.58 -5.11 -30.12
CA ASN F 110 40.42 -6.25 -30.54
C ASN F 110 41.89 -5.86 -30.63
N GLU F 111 42.19 -4.88 -31.50
CA GLU F 111 43.56 -4.35 -31.67
C GLU F 111 44.14 -3.83 -30.36
N ALA F 112 43.25 -3.28 -29.53
CA ALA F 112 43.61 -2.86 -28.19
C ALA F 112 44.04 -4.06 -27.35
N LEU F 113 43.28 -5.15 -27.45
CA LEU F 113 43.55 -6.38 -26.68
C LEU F 113 44.94 -6.95 -26.95
N ILE F 114 45.33 -7.04 -28.22
CA ILE F 114 46.64 -7.59 -28.55
C ILE F 114 47.77 -6.63 -28.14
N PHE F 115 47.56 -5.33 -28.42
CA PHE F 115 48.48 -4.28 -28.01
C PHE F 115 48.68 -4.27 -26.50
N TYR F 116 47.60 -4.54 -25.76
CA TYR F 116 47.64 -4.67 -24.30
C TYR F 116 48.47 -5.87 -23.90
N ASN F 117 48.18 -7.01 -24.51
CA ASN F 117 48.93 -8.24 -24.25
C ASN F 117 50.43 -8.05 -24.49
N LYS F 118 50.78 -7.49 -25.65
CA LYS F 118 52.17 -7.15 -25.97
C LYS F 118 52.81 -6.25 -24.91
N ILE F 119 51.99 -5.38 -24.32
CA ILE F 119 52.45 -4.43 -23.31
C ILE F 119 52.71 -5.12 -21.98
N ILE F 120 51.83 -6.03 -21.60
CA ILE F 120 52.00 -6.83 -20.39
C ILE F 120 53.28 -7.68 -20.48
N ASP F 121 53.55 -8.23 -21.66
CA ASP F 121 54.79 -8.97 -21.92
C ASP F 121 56.01 -8.09 -21.67
N GLU F 122 56.03 -6.93 -22.31
CA GLU F 122 57.16 -6.01 -22.20
C GLU F 122 57.26 -5.39 -20.81
N PHE F 123 56.15 -5.39 -20.07
CA PHE F 123 56.18 -5.07 -18.64
C PHE F 123 56.91 -6.18 -17.88
N LYS F 124 56.48 -7.43 -18.11
CA LYS F 124 57.11 -8.58 -17.47
C LYS F 124 58.58 -8.67 -17.88
N LYS F 125 58.84 -8.45 -19.17
CA LYS F 125 60.20 -8.44 -19.72
C LYS F 125 61.08 -7.47 -18.93
N GLN F 126 60.59 -6.24 -18.75
CA GLN F 126 61.36 -5.18 -18.08
C GLN F 126 61.38 -5.26 -16.54
N TYR F 127 60.75 -6.28 -15.95
CA TYR F 127 60.67 -6.43 -14.48
C TYR F 127 60.60 -7.88 -13.99
N ASN F 128 59.42 -8.42 -13.75
CA ASN F 128 59.28 -9.78 -13.19
C ASN F 128 57.89 -10.37 -13.39
N ASP F 129 57.84 -11.59 -13.94
CA ASP F 129 56.58 -12.31 -14.21
C ASP F 129 55.64 -12.48 -12.98
N ASP F 130 56.17 -12.21 -11.79
CA ASP F 130 55.40 -12.31 -10.55
C ASP F 130 55.06 -10.95 -9.94
N LYS F 131 55.42 -9.88 -10.63
CA LYS F 131 55.13 -8.51 -10.17
C LYS F 131 54.12 -7.78 -11.07
N ILE F 132 53.70 -8.43 -12.16
CA ILE F 132 52.80 -7.81 -13.13
C ILE F 132 51.47 -8.57 -13.22
N LYS F 133 50.64 -8.43 -12.19
CA LYS F 133 49.27 -8.94 -12.18
C LYS F 133 48.34 -8.02 -12.99
N ILE F 134 47.43 -8.63 -13.74
CA ILE F 134 46.57 -7.95 -14.73
C ILE F 134 45.08 -8.05 -14.36
N GLY F 135 44.21 -7.65 -15.30
CA GLY F 135 42.76 -7.85 -15.16
C GLY F 135 42.14 -8.41 -16.42
N LYS F 136 40.91 -8.92 -16.32
CA LYS F 136 40.23 -9.51 -17.49
C LYS F 136 39.68 -8.44 -18.46
N PHE F 137 40.51 -8.10 -19.44
CA PHE F 137 40.22 -7.13 -20.49
C PHE F 137 38.78 -7.18 -21.00
N GLY F 138 38.11 -6.03 -21.03
CA GLY F 138 36.78 -5.91 -21.65
C GLY F 138 35.59 -6.34 -20.81
N ASN F 139 35.82 -7.19 -19.80
CA ASN F 139 34.76 -7.64 -18.87
C ASN F 139 34.58 -6.71 -17.67
N TYR F 140 33.33 -6.58 -17.20
CA TYR F 140 33.07 -5.80 -16.01
C TYR F 140 34.00 -6.26 -14.90
N MET F 141 34.53 -5.29 -14.17
CA MET F 141 35.52 -5.55 -13.13
C MET F 141 35.23 -4.74 -11.87
N ASN F 142 35.35 -5.39 -10.72
CA ASN F 142 35.32 -4.72 -9.45
C ASN F 142 36.74 -4.65 -8.95
N ILE F 143 37.23 -3.45 -8.64
CA ILE F 143 38.54 -3.33 -8.01
C ILE F 143 38.45 -2.54 -6.71
N ASP F 144 38.67 -3.22 -5.59
CA ASP F 144 38.94 -2.55 -4.33
C ASP F 144 40.40 -2.09 -4.35
N VAL F 145 40.64 -0.83 -3.99
CA VAL F 145 41.94 -0.20 -4.13
C VAL F 145 42.23 0.64 -2.89
N THR F 146 43.40 0.43 -2.28
CA THR F 146 43.69 1.16 -1.04
C THR F 146 44.70 2.31 -1.28
N ASN F 147 44.18 3.41 -1.83
CA ASN F 147 45.01 4.55 -2.20
C ASN F 147 45.88 5.01 -1.05
N ASP F 148 47.15 5.16 -1.37
CA ASP F 148 48.19 5.45 -0.40
C ASP F 148 48.67 6.86 -0.74
N GLY F 149 48.22 7.83 0.05
CA GLY F 149 48.56 9.24 -0.15
C GLY F 149 47.31 10.08 -0.17
N PRO F 150 46.50 9.94 -1.22
CA PRO F 150 46.80 9.09 -2.38
C PRO F 150 47.87 9.76 -3.24
N VAL F 151 48.41 9.04 -4.20
CA VAL F 151 49.21 9.65 -5.25
C VAL F 151 48.63 9.24 -6.59
N THR F 152 48.26 10.21 -7.40
CA THR F 152 47.78 9.97 -8.75
C THR F 152 48.65 10.67 -9.79
N ILE F 153 49.14 9.90 -10.76
CA ILE F 153 49.85 10.47 -11.88
C ILE F 153 49.05 10.29 -13.18
N TYR F 154 49.03 11.33 -14.00
CA TYR F 154 48.46 11.24 -15.35
C TYR F 154 49.47 11.65 -16.42
N ILE F 155 49.71 10.74 -17.35
CA ILE F 155 50.55 11.01 -18.53
C ILE F 155 49.78 10.81 -19.83
N ASP F 156 50.10 11.63 -20.83
CA ASP F 156 49.54 11.53 -22.19
C ASP F 156 50.65 11.66 -23.22
N THR F 157 51.18 10.52 -23.67
CA THR F 157 52.25 10.46 -24.67
C THR F 157 52.16 11.55 -25.76
N HIS F 158 50.98 11.73 -26.36
CA HIS F 158 50.81 12.75 -27.42
C HIS F 158 50.96 14.19 -26.87
N ASP F 159 51.67 14.34 -25.75
CA ASP F 159 52.18 15.64 -25.28
C ASP F 159 53.68 15.79 -25.60
#